data_3C5G
#
_entry.id   3C5G
#
_cell.length_a   94.335
_cell.length_b   150.819
_cell.length_c   85.822
_cell.angle_alpha   90.00
_cell.angle_beta   90.00
_cell.angle_gamma   90.00
#
_symmetry.space_group_name_H-M   'P 21 21 2'
#
loop_
_entity.id
_entity.type
_entity.pdbx_description
1 polymer 'DNA polymerase lambda'
2 polymer "DNA (5'-D(*DCP*DGP*DGP*DCP*DAP*DAP*DTP*DAP*DCP*DTP*DG)-3')"
3 polymer "DNA (5'-D(*DCP*DAP*DGP*DTP*DAP*(2DT))-3')"
4 polymer "DNA (5'-D(P*DGP*DCP*DCP*DG)-3')"
5 non-polymer 'MAGNESIUM ION'
6 non-polymer 'SODIUM ION'
7 non-polymer "2',3'-DIDEOXY-THYMIDINE-5'-TRIPHOSPHATE"
8 non-polymer 1,2-ETHANEDIOL
9 water water
#
loop_
_entity_poly.entity_id
_entity_poly.type
_entity_poly.pdbx_seq_one_letter_code
_entity_poly.pdbx_strand_id
1 'polypeptide(L)'
;MAQPSSQKATNHNLHITEKLEVLAKAYSVQGDKWRALGYAKAINALKSFHKPVTSYQEACSIPGIGKRMAEKIIEILESG
HLRKLDHISESVPVLELFSNIWGAGTKTAQMWYQQGFRSLEDIRSQASLTTQQAIGLKHYSDFLERMPREEATEIEQTVQ
KAAQAFNSGLLCVACGSYRRGKATCGDVDVLITHPDGRSHRGIFSRLLDSLRQEGFLTDDLVSQEENGQQQKYLGVCRLP
GPGRRHRRLDIIVVPYSEFACALLYFTGSAHFNRSMKALAKTKGMSLSEHALSTAVVRNTHGCKVGPGRVLPTPTEKDVF
RLLGLPYREPAERDW
;
A,B
2 'polydeoxyribonucleotide' (DC)(DG)(DG)(DC)(DA)(DA)(DT)(DA)(DC)(DT)(DG) T,U
3 'polydeoxyribonucleotide' (DC)(DA)(DG)(DT)(DA)(2DT) P,Q
4 'polydeoxyribonucleotide' (DG)(DC)(DC)(DG) D,E
#
# COMPACT_ATOMS: atom_id res chain seq x y z
N ALA A 9 6.30 -3.94 -40.35
CA ALA A 9 6.66 -2.51 -40.16
C ALA A 9 8.15 -2.31 -40.46
N THR A 10 8.43 -1.58 -41.53
CA THR A 10 9.81 -1.32 -41.91
C THR A 10 10.28 0.05 -41.45
N ASN A 11 11.37 0.07 -40.70
CA ASN A 11 11.96 1.31 -40.22
C ASN A 11 12.74 1.90 -41.39
N HIS A 12 12.14 2.86 -42.08
CA HIS A 12 12.77 3.51 -43.22
C HIS A 12 13.87 4.46 -42.78
N ASN A 13 14.06 4.60 -41.47
CA ASN A 13 15.06 5.51 -40.94
C ASN A 13 16.09 4.81 -40.06
N LEU A 14 16.38 3.55 -40.37
CA LEU A 14 17.35 2.77 -39.61
C LEU A 14 18.70 3.46 -39.54
N HIS A 15 19.12 4.01 -40.67
CA HIS A 15 20.40 4.70 -40.74
C HIS A 15 20.48 5.84 -39.72
N ILE A 16 19.32 6.42 -39.40
CA ILE A 16 19.25 7.51 -38.44
C ILE A 16 19.20 6.99 -37.01
N THR A 17 18.13 6.26 -36.69
CA THR A 17 17.91 5.70 -35.36
C THR A 17 19.10 4.92 -34.84
N GLU A 18 19.82 4.28 -35.74
CA GLU A 18 20.99 3.50 -35.36
C GLU A 18 22.05 4.39 -34.68
N LYS A 19 22.24 5.58 -35.23
CA LYS A 19 23.20 6.54 -34.69
C LYS A 19 22.63 7.20 -33.44
N LEU A 20 21.36 7.63 -33.53
CA LEU A 20 20.74 8.29 -32.39
C LEU A 20 20.76 7.44 -31.13
N GLU A 21 20.57 6.13 -31.29
CA GLU A 21 20.55 5.24 -30.13
C GLU A 21 21.88 5.20 -29.37
N VAL A 22 22.99 5.30 -30.09
CA VAL A 22 24.29 5.31 -29.44
C VAL A 22 24.36 6.50 -28.50
N LEU A 23 23.85 7.64 -28.95
CA LEU A 23 23.86 8.84 -28.12
C LEU A 23 22.90 8.66 -26.94
N ALA A 24 21.69 8.18 -27.25
CA ALA A 24 20.68 7.96 -26.22
C ALA A 24 21.23 7.07 -25.11
N LYS A 25 21.91 5.99 -25.48
CA LYS A 25 22.49 5.06 -24.52
C LYS A 25 23.55 5.76 -23.69
N ALA A 26 24.34 6.62 -24.32
CA ALA A 26 25.40 7.35 -23.63
C ALA A 26 24.83 8.23 -22.53
N TYR A 27 23.75 8.93 -22.84
CA TYR A 27 23.12 9.81 -21.86
C TYR A 27 22.53 8.97 -20.75
N SER A 28 21.97 7.83 -21.12
CA SER A 28 21.36 6.92 -20.16
C SER A 28 22.34 6.41 -19.10
N VAL A 29 23.45 5.82 -19.55
CA VAL A 29 24.43 5.28 -18.61
C VAL A 29 25.05 6.37 -17.74
N GLN A 30 25.01 7.60 -18.20
CA GLN A 30 25.58 8.72 -17.44
C GLN A 30 24.56 9.27 -16.44
N GLY A 31 23.36 8.71 -16.44
CA GLY A 31 22.34 9.16 -15.51
C GLY A 31 21.44 10.28 -16.00
N ASP A 32 21.75 10.85 -17.15
CA ASP A 32 20.94 11.94 -17.72
C ASP A 32 19.67 11.29 -18.27
N LYS A 33 18.82 10.81 -17.36
CA LYS A 33 17.60 10.11 -17.74
C LYS A 33 16.52 10.85 -18.53
N TRP A 34 16.26 12.11 -18.19
CA TRP A 34 15.22 12.86 -18.90
C TRP A 34 15.66 13.15 -20.33
N ARG A 35 16.92 13.52 -20.50
CA ARG A 35 17.43 13.78 -21.83
C ARG A 35 17.37 12.48 -22.64
N ALA A 36 17.67 11.35 -21.98
CA ALA A 36 17.64 10.05 -22.64
C ALA A 36 16.22 9.63 -23.00
N LEU A 37 15.27 10.00 -22.16
CA LEU A 37 13.87 9.67 -22.43
C LEU A 37 13.45 10.43 -23.69
N GLY A 38 13.93 11.66 -23.82
CA GLY A 38 13.60 12.46 -24.99
C GLY A 38 14.05 11.79 -26.27
N TYR A 39 15.28 11.28 -26.29
CA TYR A 39 15.79 10.60 -27.48
C TYR A 39 14.97 9.36 -27.82
N ALA A 40 14.65 8.58 -26.79
CA ALA A 40 13.89 7.35 -26.97
C ALA A 40 12.58 7.63 -27.70
N LYS A 41 11.86 8.65 -27.26
CA LYS A 41 10.59 8.98 -27.91
C LYS A 41 10.85 9.47 -29.34
N ALA A 42 11.96 10.16 -29.54
CA ALA A 42 12.30 10.67 -30.87
C ALA A 42 12.59 9.45 -31.76
N ILE A 43 13.42 8.55 -31.24
CA ILE A 43 13.81 7.35 -31.95
C ILE A 43 12.62 6.46 -32.33
N ASN A 44 11.62 6.37 -31.46
CA ASN A 44 10.45 5.55 -31.77
C ASN A 44 9.58 6.24 -32.81
N ALA A 45 9.54 7.57 -32.75
CA ALA A 45 8.74 8.34 -33.71
C ALA A 45 9.33 8.15 -35.10
N LEU A 46 10.65 8.04 -35.18
CA LEU A 46 11.33 7.85 -36.45
C LEU A 46 11.07 6.45 -37.03
N LYS A 47 11.16 5.44 -36.16
CA LYS A 47 10.92 4.07 -36.60
C LYS A 47 9.53 3.88 -37.17
N SER A 48 8.59 4.66 -36.66
CA SER A 48 7.20 4.56 -37.09
C SER A 48 6.82 5.45 -38.27
N PHE A 49 7.73 6.27 -38.75
CA PHE A 49 7.39 7.14 -39.86
C PHE A 49 7.16 6.34 -41.15
N HIS A 50 6.10 6.70 -41.87
CA HIS A 50 5.73 6.01 -43.10
C HIS A 50 6.82 5.94 -44.17
N LYS A 51 7.71 6.94 -44.20
CA LYS A 51 8.78 6.98 -45.19
C LYS A 51 10.08 7.43 -44.56
N PRO A 52 11.20 7.35 -45.30
CA PRO A 52 12.44 7.80 -44.69
C PRO A 52 12.37 9.34 -44.64
N VAL A 53 12.72 9.93 -43.50
CA VAL A 53 12.66 11.38 -43.37
C VAL A 53 13.57 12.04 -44.41
N THR A 54 13.04 13.01 -45.13
CA THR A 54 13.82 13.68 -46.17
C THR A 54 14.15 15.17 -45.96
N SER A 55 13.66 15.78 -44.88
CA SER A 55 13.97 17.17 -44.63
C SER A 55 13.79 17.62 -43.20
N TYR A 56 14.47 18.70 -42.86
CA TYR A 56 14.42 19.29 -41.52
C TYR A 56 12.96 19.61 -41.19
N GLN A 57 12.31 20.34 -42.09
CA GLN A 57 10.92 20.72 -41.89
C GLN A 57 10.03 19.50 -41.63
N GLU A 58 10.20 18.45 -42.42
CA GLU A 58 9.40 17.25 -42.23
C GLU A 58 9.72 16.60 -40.88
N ALA A 59 10.99 16.59 -40.51
CA ALA A 59 11.37 16.01 -39.23
C ALA A 59 10.68 16.77 -38.10
N CYS A 60 10.60 18.09 -38.24
CA CYS A 60 9.98 18.92 -37.22
C CYS A 60 8.47 18.72 -37.09
N SER A 61 7.84 18.27 -38.18
CA SER A 61 6.39 18.04 -38.15
C SER A 61 6.04 16.80 -37.34
N ILE A 62 7.05 16.03 -36.97
CA ILE A 62 6.80 14.81 -36.19
C ILE A 62 6.87 15.06 -34.69
N PRO A 63 5.79 14.76 -33.96
CA PRO A 63 5.75 14.94 -32.50
C PRO A 63 6.85 14.11 -31.82
N GLY A 64 7.63 14.77 -30.97
CA GLY A 64 8.72 14.09 -30.29
C GLY A 64 10.06 14.50 -30.87
N ILE A 65 10.00 15.26 -31.95
CA ILE A 65 11.20 15.76 -32.63
C ILE A 65 11.18 17.27 -32.69
N GLY A 66 12.14 17.90 -32.02
CA GLY A 66 12.22 19.34 -32.04
C GLY A 66 13.40 19.80 -32.89
N LYS A 67 13.73 21.09 -32.80
CA LYS A 67 14.84 21.64 -33.57
C LYS A 67 16.15 20.90 -33.34
N ARG A 68 16.49 20.69 -32.07
CA ARG A 68 17.73 20.00 -31.71
C ARG A 68 17.82 18.63 -32.35
N MET A 69 16.76 17.83 -32.20
CA MET A 69 16.73 16.48 -32.75
C MET A 69 16.75 16.50 -34.27
N ALA A 70 16.03 17.46 -34.86
CA ALA A 70 15.98 17.57 -36.31
C ALA A 70 17.37 17.85 -36.87
N GLU A 71 18.14 18.72 -36.22
CA GLU A 71 19.49 19.04 -36.70
C GLU A 71 20.31 17.76 -36.83
N LYS A 72 20.32 16.97 -35.76
CA LYS A 72 21.07 15.73 -35.73
C LYS A 72 20.58 14.75 -36.80
N ILE A 73 19.27 14.63 -36.94
CA ILE A 73 18.70 13.73 -37.94
C ILE A 73 19.19 14.11 -39.32
N ILE A 74 19.10 15.39 -39.67
CA ILE A 74 19.54 15.83 -40.99
C ILE A 74 21.04 15.65 -41.19
N GLU A 75 21.83 15.89 -40.15
CA GLU A 75 23.27 15.69 -40.27
C GLU A 75 23.59 14.24 -40.62
N ILE A 76 22.93 13.32 -39.92
CA ILE A 76 23.14 11.89 -40.17
C ILE A 76 22.64 11.54 -41.56
N LEU A 77 21.47 12.07 -41.90
CA LEU A 77 20.87 11.83 -43.20
C LEU A 77 21.81 12.26 -44.33
N GLU A 78 22.29 13.50 -44.25
CA GLU A 78 23.16 14.03 -45.28
C GLU A 78 24.63 13.62 -45.25
N SER A 79 25.17 13.37 -44.05
CA SER A 79 26.59 13.03 -43.96
C SER A 79 26.84 11.56 -43.67
N GLY A 80 25.82 10.85 -43.21
CA GLY A 80 25.97 9.45 -42.89
C GLY A 80 26.63 9.25 -41.54
N HIS A 81 26.84 10.34 -40.80
CA HIS A 81 27.47 10.25 -39.48
C HIS A 81 26.98 11.37 -38.56
N LEU A 82 27.30 11.25 -37.27
CA LEU A 82 26.93 12.24 -36.28
C LEU A 82 28.17 12.56 -35.45
N ARG A 83 28.80 13.70 -35.74
CA ARG A 83 30.02 14.12 -35.04
C ARG A 83 29.95 14.07 -33.52
N LYS A 84 28.77 14.34 -32.97
CA LYS A 84 28.57 14.32 -31.53
C LYS A 84 29.06 13.00 -30.91
N LEU A 85 28.91 11.92 -31.67
CA LEU A 85 29.31 10.61 -31.19
C LEU A 85 30.81 10.55 -30.89
N ASP A 86 31.60 11.27 -31.68
CA ASP A 86 33.05 11.27 -31.49
C ASP A 86 33.46 11.99 -30.23
N HIS A 87 32.51 12.67 -29.60
CA HIS A 87 32.81 13.42 -28.39
C HIS A 87 32.30 12.78 -27.10
N ILE A 88 31.71 11.59 -27.23
CA ILE A 88 31.19 10.89 -26.05
C ILE A 88 32.37 10.51 -25.14
N SER A 89 32.23 10.80 -23.86
CA SER A 89 33.28 10.48 -22.88
C SER A 89 33.74 9.03 -22.98
N GLU A 90 35.03 8.81 -22.74
CA GLU A 90 35.62 7.49 -22.80
C GLU A 90 35.10 6.65 -21.64
N SER A 91 34.50 7.31 -20.66
CA SER A 91 33.98 6.63 -19.48
C SER A 91 32.68 5.88 -19.77
N VAL A 92 31.97 6.32 -20.81
CA VAL A 92 30.70 5.70 -21.18
C VAL A 92 30.74 4.20 -21.39
N PRO A 93 31.71 3.69 -22.17
CA PRO A 93 31.78 2.23 -22.37
C PRO A 93 31.92 1.48 -21.03
N VAL A 94 32.68 2.06 -20.10
CA VAL A 94 32.89 1.48 -18.78
C VAL A 94 31.60 1.58 -17.94
N LEU A 95 30.98 2.75 -17.94
CA LEU A 95 29.75 2.94 -17.19
C LEU A 95 28.66 1.98 -17.67
N GLU A 96 28.67 1.70 -18.98
CA GLU A 96 27.70 0.79 -19.57
C GLU A 96 27.98 -0.64 -19.12
N LEU A 97 29.27 -0.99 -19.09
CA LEU A 97 29.66 -2.33 -18.68
C LEU A 97 29.16 -2.55 -17.24
N PHE A 98 29.47 -1.60 -16.36
CA PHE A 98 29.08 -1.69 -14.96
C PHE A 98 27.57 -1.71 -14.74
N SER A 99 26.84 -0.86 -15.45
CA SER A 99 25.39 -0.83 -15.29
C SER A 99 24.71 -2.01 -15.98
N ASN A 100 25.47 -2.83 -16.70
CA ASN A 100 24.90 -4.01 -17.34
C ASN A 100 24.76 -5.11 -16.30
N ILE A 101 25.32 -4.87 -15.12
CA ILE A 101 25.23 -5.82 -14.01
C ILE A 101 23.86 -5.60 -13.36
N TRP A 102 23.06 -6.67 -13.26
CA TRP A 102 21.73 -6.53 -12.67
C TRP A 102 21.86 -6.14 -11.21
N GLY A 103 21.17 -5.08 -10.84
CA GLY A 103 21.24 -4.61 -9.46
C GLY A 103 22.12 -3.39 -9.29
N ALA A 104 22.81 -3.00 -10.36
CA ALA A 104 23.70 -1.84 -10.33
C ALA A 104 23.23 -0.85 -11.38
N GLY A 105 23.03 0.39 -10.96
CA GLY A 105 22.58 1.44 -11.87
C GLY A 105 23.65 2.47 -12.12
N THR A 106 23.27 3.60 -12.69
CA THR A 106 24.20 4.68 -13.00
C THR A 106 24.98 5.21 -11.79
N LYS A 107 24.32 5.34 -10.65
CA LYS A 107 25.01 5.82 -9.45
C LYS A 107 26.12 4.85 -9.03
N THR A 108 25.80 3.57 -8.95
CA THR A 108 26.80 2.58 -8.57
C THR A 108 27.92 2.48 -9.60
N ALA A 109 27.59 2.56 -10.88
CA ALA A 109 28.59 2.49 -11.92
C ALA A 109 29.53 3.68 -11.76
N GLN A 110 28.97 4.86 -11.51
CA GLN A 110 29.76 6.06 -11.31
C GLN A 110 30.69 5.92 -10.12
N MET A 111 30.15 5.40 -9.02
CA MET A 111 30.96 5.22 -7.81
C MET A 111 32.15 4.34 -8.10
N TRP A 112 31.91 3.22 -8.78
CA TRP A 112 32.98 2.30 -9.11
C TRP A 112 34.00 2.93 -10.01
N TYR A 113 33.53 3.70 -11.00
CA TYR A 113 34.44 4.38 -11.90
C TYR A 113 35.35 5.32 -11.12
N GLN A 114 34.76 6.17 -10.28
CA GLN A 114 35.51 7.12 -9.46
C GLN A 114 36.55 6.41 -8.60
N GLN A 115 36.26 5.17 -8.23
CA GLN A 115 37.18 4.38 -7.41
C GLN A 115 38.33 3.83 -8.25
N GLY A 116 38.24 3.99 -9.57
CA GLY A 116 39.30 3.51 -10.44
C GLY A 116 39.07 2.22 -11.20
N PHE A 117 37.97 1.54 -10.91
CA PHE A 117 37.67 0.28 -11.59
C PHE A 117 37.35 0.53 -13.07
N ARG A 118 37.68 -0.42 -13.93
CA ARG A 118 37.44 -0.27 -15.36
C ARG A 118 37.01 -1.56 -16.05
N SER A 119 37.15 -2.68 -15.36
CA SER A 119 36.79 -3.97 -15.95
C SER A 119 35.92 -4.76 -14.97
N LEU A 120 35.36 -5.86 -15.46
CA LEU A 120 34.54 -6.70 -14.61
C LEU A 120 35.42 -7.44 -13.59
N GLU A 121 36.67 -7.71 -13.98
CA GLU A 121 37.62 -8.38 -13.08
C GLU A 121 37.94 -7.45 -11.90
N ASP A 122 38.00 -6.15 -12.19
CA ASP A 122 38.25 -5.15 -11.16
C ASP A 122 37.09 -5.20 -10.15
N ILE A 123 35.87 -5.26 -10.68
CA ILE A 123 34.67 -5.31 -9.86
C ILE A 123 34.64 -6.58 -9.02
N ARG A 124 34.94 -7.71 -9.65
CA ARG A 124 34.93 -8.98 -8.96
C ARG A 124 35.93 -8.99 -7.81
N SER A 125 37.14 -8.53 -8.07
CA SER A 125 38.18 -8.56 -7.05
C SER A 125 38.19 -7.48 -5.99
N GLN A 126 37.83 -6.24 -6.35
CA GLN A 126 37.92 -5.15 -5.37
C GLN A 126 36.65 -4.37 -5.03
N ALA A 127 35.64 -4.43 -5.89
CA ALA A 127 34.43 -3.67 -5.65
C ALA A 127 33.55 -4.19 -4.54
N SER A 128 32.85 -3.27 -3.89
CA SER A 128 31.93 -3.63 -2.83
C SER A 128 30.65 -3.97 -3.59
N LEU A 129 30.08 -5.15 -3.33
CA LEU A 129 28.88 -5.58 -4.04
C LEU A 129 27.71 -5.92 -3.14
N THR A 130 26.51 -5.49 -3.53
CA THR A 130 25.29 -5.82 -2.78
C THR A 130 24.99 -7.28 -3.11
N THR A 131 24.08 -7.91 -2.36
CA THR A 131 23.73 -9.30 -2.61
C THR A 131 23.24 -9.47 -4.06
N GLN A 132 22.36 -8.57 -4.49
CA GLN A 132 21.83 -8.63 -5.85
C GLN A 132 22.95 -8.49 -6.88
N GLN A 133 23.80 -7.49 -6.70
CA GLN A 133 24.91 -7.27 -7.61
C GLN A 133 25.86 -8.46 -7.73
N ALA A 134 26.12 -9.14 -6.62
CA ALA A 134 27.01 -10.30 -6.69
C ALA A 134 26.40 -11.33 -7.61
N ILE A 135 25.07 -11.47 -7.56
CA ILE A 135 24.37 -12.42 -8.42
C ILE A 135 24.38 -11.90 -9.86
N GLY A 136 24.19 -10.60 -10.02
CA GLY A 136 24.20 -10.04 -11.36
C GLY A 136 25.56 -10.22 -12.00
N LEU A 137 26.62 -10.09 -11.20
CA LEU A 137 27.99 -10.21 -11.70
C LEU A 137 28.35 -11.62 -12.11
N LYS A 138 28.05 -12.61 -11.27
CA LYS A 138 28.41 -13.97 -11.60
C LYS A 138 27.65 -14.49 -12.82
N HIS A 139 26.49 -13.91 -13.12
CA HIS A 139 25.71 -14.34 -14.29
C HIS A 139 25.73 -13.28 -15.37
N TYR A 140 26.75 -12.43 -15.34
CA TYR A 140 26.84 -11.33 -16.31
C TYR A 140 26.54 -11.72 -17.75
N SER A 141 27.35 -12.61 -18.32
CA SER A 141 27.15 -13.00 -19.72
C SER A 141 25.83 -13.67 -19.98
N ASP A 142 25.45 -14.60 -19.10
CA ASP A 142 24.17 -15.29 -19.27
C ASP A 142 23.03 -14.29 -19.37
N PHE A 143 23.01 -13.33 -18.45
CA PHE A 143 21.97 -12.32 -18.39
C PHE A 143 22.04 -11.29 -19.52
N LEU A 144 23.22 -11.09 -20.11
CA LEU A 144 23.32 -10.09 -21.16
C LEU A 144 22.77 -10.56 -22.52
N GLU A 145 22.87 -11.85 -22.81
CA GLU A 145 22.34 -12.33 -24.07
C GLU A 145 20.83 -12.56 -23.97
N ARG A 146 20.13 -12.39 -25.09
CA ARG A 146 18.69 -12.61 -25.11
C ARG A 146 18.49 -14.06 -25.52
N MET A 147 17.67 -14.77 -24.77
CA MET A 147 17.42 -16.17 -25.09
C MET A 147 16.47 -16.30 -26.28
N PRO A 148 16.49 -17.47 -26.95
CA PRO A 148 15.63 -17.76 -28.10
C PRO A 148 14.21 -17.98 -27.58
N ARG A 149 13.21 -17.50 -28.33
CA ARG A 149 11.82 -17.65 -27.92
C ARG A 149 11.54 -19.06 -27.41
N GLU A 150 12.07 -20.06 -28.11
CA GLU A 150 11.89 -21.46 -27.73
C GLU A 150 12.27 -21.74 -26.28
N GLU A 151 13.35 -21.13 -25.79
CA GLU A 151 13.76 -21.35 -24.42
C GLU A 151 12.79 -20.68 -23.46
N ALA A 152 12.33 -19.48 -23.80
CA ALA A 152 11.39 -18.76 -22.95
C ALA A 152 10.12 -19.62 -22.80
N THR A 153 9.72 -20.25 -23.90
CA THR A 153 8.54 -21.11 -23.89
C THR A 153 8.73 -22.21 -22.84
N GLU A 154 9.88 -22.88 -22.90
CA GLU A 154 10.18 -23.96 -21.96
C GLU A 154 10.14 -23.44 -20.53
N ILE A 155 10.70 -22.25 -20.32
CA ILE A 155 10.69 -21.67 -18.99
C ILE A 155 9.27 -21.38 -18.54
N GLU A 156 8.48 -20.75 -19.42
CA GLU A 156 7.10 -20.43 -19.09
C GLU A 156 6.31 -21.69 -18.76
N GLN A 157 6.48 -22.72 -19.57
CA GLN A 157 5.79 -23.98 -19.36
C GLN A 157 6.21 -24.63 -18.04
N THR A 158 7.48 -24.49 -17.68
CA THR A 158 7.94 -25.08 -16.44
C THR A 158 7.18 -24.46 -15.29
N VAL A 159 7.06 -23.14 -15.30
CA VAL A 159 6.34 -22.44 -14.25
C VAL A 159 4.86 -22.80 -14.24
N GLN A 160 4.22 -22.80 -15.42
CA GLN A 160 2.80 -23.12 -15.53
C GLN A 160 2.48 -24.48 -14.96
N LYS A 161 3.25 -25.49 -15.37
CA LYS A 161 3.03 -26.84 -14.88
C LYS A 161 3.17 -26.94 -13.37
N ALA A 162 4.20 -26.30 -12.81
CA ALA A 162 4.42 -26.34 -11.38
C ALA A 162 3.28 -25.67 -10.62
N ALA A 163 2.70 -24.63 -11.20
CA ALA A 163 1.61 -23.92 -10.53
C ALA A 163 0.31 -24.69 -10.64
N GLN A 164 -0.05 -25.09 -11.86
CA GLN A 164 -1.29 -25.80 -12.08
C GLN A 164 -1.33 -27.12 -11.33
N ALA A 165 -0.17 -27.63 -10.94
CA ALA A 165 -0.11 -28.87 -10.18
C ALA A 165 -0.76 -28.63 -8.82
N PHE A 166 -0.81 -27.37 -8.40
CA PHE A 166 -1.43 -27.01 -7.14
C PHE A 166 -2.93 -26.76 -7.35
N ASN A 167 -3.26 -26.17 -8.50
CA ASN A 167 -4.65 -25.86 -8.85
C ASN A 167 -4.72 -25.73 -10.37
N SER A 168 -5.42 -26.67 -11.01
CA SER A 168 -5.53 -26.68 -12.47
C SER A 168 -6.29 -25.48 -12.99
N GLY A 169 -6.96 -24.75 -12.11
CA GLY A 169 -7.73 -23.60 -12.55
C GLY A 169 -6.89 -22.35 -12.73
N LEU A 170 -5.65 -22.38 -12.25
CA LEU A 170 -4.76 -21.23 -12.37
C LEU A 170 -4.41 -20.87 -13.81
N LEU A 171 -4.47 -19.58 -14.11
CA LEU A 171 -4.12 -19.11 -15.44
C LEU A 171 -2.67 -18.58 -15.33
N CYS A 172 -1.82 -19.01 -16.26
CA CYS A 172 -0.42 -18.61 -16.28
C CYS A 172 -0.10 -18.07 -17.65
N VAL A 173 0.26 -16.80 -17.69
CA VAL A 173 0.54 -16.15 -18.95
C VAL A 173 1.93 -15.53 -19.04
N ALA A 174 2.68 -15.94 -20.05
CA ALA A 174 3.99 -15.37 -20.27
C ALA A 174 3.71 -14.00 -20.88
N CYS A 175 4.20 -12.94 -20.25
CA CYS A 175 3.96 -11.59 -20.75
C CYS A 175 5.25 -11.00 -21.33
N GLY A 176 5.47 -9.71 -21.10
CA GLY A 176 6.66 -9.06 -21.59
C GLY A 176 6.87 -9.24 -23.08
N SER A 177 8.14 -9.30 -23.48
CA SER A 177 8.50 -9.46 -24.89
C SER A 177 8.04 -10.77 -25.51
N TYR A 178 7.87 -11.80 -24.70
CA TYR A 178 7.42 -13.09 -25.22
C TYR A 178 5.99 -12.90 -25.73
N ARG A 179 5.16 -12.25 -24.93
CA ARG A 179 3.79 -12.04 -25.34
C ARG A 179 3.69 -11.09 -26.55
N ARG A 180 4.60 -10.11 -26.66
CA ARG A 180 4.57 -9.20 -27.79
C ARG A 180 5.10 -9.87 -29.06
N GLY A 181 5.42 -11.15 -28.96
CA GLY A 181 5.89 -11.90 -30.12
C GLY A 181 7.36 -11.82 -30.52
N LYS A 182 8.23 -11.24 -29.69
CA LYS A 182 9.64 -11.14 -30.07
C LYS A 182 10.26 -12.50 -30.34
N ALA A 183 11.30 -12.51 -31.16
CA ALA A 183 12.00 -13.74 -31.53
C ALA A 183 12.95 -14.16 -30.39
N THR A 184 13.45 -13.17 -29.65
CA THR A 184 14.34 -13.44 -28.54
C THR A 184 13.82 -12.65 -27.34
N CYS A 185 14.10 -13.15 -26.15
CA CYS A 185 13.65 -12.53 -24.90
C CYS A 185 14.78 -12.28 -23.91
N GLY A 186 14.80 -11.10 -23.32
CA GLY A 186 15.84 -10.77 -22.35
C GLY A 186 15.65 -11.59 -21.09
N ASP A 187 14.41 -11.98 -20.83
CA ASP A 187 14.06 -12.78 -19.65
C ASP A 187 12.63 -13.28 -19.84
N VAL A 188 12.10 -13.95 -18.82
CA VAL A 188 10.74 -14.45 -18.91
C VAL A 188 9.88 -13.80 -17.83
N ASP A 189 8.75 -13.25 -18.26
CA ASP A 189 7.82 -12.57 -17.36
C ASP A 189 6.54 -13.40 -17.29
N VAL A 190 6.24 -13.94 -16.11
CA VAL A 190 5.05 -14.77 -15.97
C VAL A 190 4.03 -14.14 -15.02
N LEU A 191 2.78 -14.13 -15.46
CA LEU A 191 1.67 -13.58 -14.68
C LEU A 191 0.72 -14.72 -14.33
N ILE A 192 0.31 -14.76 -13.06
CA ILE A 192 -0.59 -15.81 -12.58
C ILE A 192 -1.79 -15.28 -11.81
N THR A 193 -2.95 -15.87 -12.06
CA THR A 193 -4.16 -15.46 -11.35
C THR A 193 -5.13 -16.64 -11.35
N HIS A 194 -6.32 -16.43 -10.81
CA HIS A 194 -7.33 -17.48 -10.81
C HIS A 194 -8.71 -16.86 -10.95
N PRO A 195 -9.52 -17.37 -11.89
CA PRO A 195 -10.88 -16.92 -12.20
C PRO A 195 -11.81 -16.80 -11.00
N ASP A 196 -11.68 -17.71 -10.04
CA ASP A 196 -12.57 -17.67 -8.88
C ASP A 196 -12.28 -16.51 -7.96
N GLY A 197 -11.23 -15.76 -8.27
CA GLY A 197 -10.90 -14.59 -7.46
C GLY A 197 -10.32 -14.83 -6.08
N ARG A 198 -9.98 -16.07 -5.75
CA ARG A 198 -9.41 -16.37 -4.44
C ARG A 198 -8.33 -17.45 -4.44
N SER A 199 -8.44 -18.40 -5.36
CA SER A 199 -7.49 -19.49 -5.39
C SER A 199 -6.07 -19.16 -5.80
N HIS A 200 -5.79 -17.87 -5.97
CA HIS A 200 -4.44 -17.44 -6.32
C HIS A 200 -3.69 -17.23 -5.01
N ARG A 201 -4.45 -17.00 -3.95
CA ARG A 201 -3.88 -16.77 -2.64
C ARG A 201 -3.07 -17.97 -2.15
N GLY A 202 -1.88 -17.70 -1.65
CA GLY A 202 -1.01 -18.75 -1.14
C GLY A 202 -0.22 -19.51 -2.19
N ILE A 203 -0.41 -19.17 -3.47
CA ILE A 203 0.30 -19.88 -4.53
C ILE A 203 1.79 -19.52 -4.55
N PHE A 204 2.11 -18.26 -4.23
CA PHE A 204 3.51 -17.83 -4.23
C PHE A 204 4.43 -18.76 -3.46
N SER A 205 4.23 -18.80 -2.15
CA SER A 205 5.04 -19.65 -1.28
C SER A 205 5.17 -21.08 -1.80
N ARG A 206 4.05 -21.66 -2.20
CA ARG A 206 4.07 -23.04 -2.69
C ARG A 206 4.78 -23.18 -4.03
N LEU A 207 4.58 -22.23 -4.93
CA LEU A 207 5.23 -22.28 -6.23
C LEU A 207 6.75 -22.15 -6.09
N LEU A 208 7.20 -21.13 -5.37
CA LEU A 208 8.63 -20.89 -5.20
C LEU A 208 9.32 -22.08 -4.55
N ASP A 209 8.75 -22.59 -3.46
CA ASP A 209 9.34 -23.73 -2.78
C ASP A 209 9.38 -24.94 -3.71
N SER A 210 8.32 -25.13 -4.50
CA SER A 210 8.28 -26.23 -5.45
C SER A 210 9.38 -26.08 -6.51
N LEU A 211 9.52 -24.89 -7.09
CA LEU A 211 10.55 -24.67 -8.10
C LEU A 211 11.97 -24.72 -7.52
N ARG A 212 12.11 -24.38 -6.25
CA ARG A 212 13.43 -24.44 -5.62
C ARG A 212 13.82 -25.90 -5.41
N GLN A 213 12.86 -26.70 -4.97
CA GLN A 213 13.09 -28.12 -4.72
C GLN A 213 13.63 -28.84 -5.95
N GLU A 214 13.03 -28.58 -7.11
CA GLU A 214 13.50 -29.25 -8.32
C GLU A 214 14.76 -28.61 -8.90
N GLY A 215 15.30 -27.61 -8.22
CA GLY A 215 16.51 -26.94 -8.67
C GLY A 215 16.37 -25.98 -9.84
N PHE A 216 15.13 -25.59 -10.14
CA PHE A 216 14.86 -24.66 -11.25
C PHE A 216 15.26 -23.23 -10.88
N LEU A 217 14.88 -22.79 -9.68
CA LEU A 217 15.24 -21.45 -9.25
C LEU A 217 16.62 -21.58 -8.62
N THR A 218 17.56 -20.75 -9.04
CA THR A 218 18.93 -20.85 -8.52
C THR A 218 19.33 -19.72 -7.57
N ASP A 219 18.64 -18.58 -7.68
CA ASP A 219 18.91 -17.44 -6.82
C ASP A 219 17.71 -16.52 -6.84
N ASP A 220 17.53 -15.78 -5.74
CA ASP A 220 16.44 -14.82 -5.61
C ASP A 220 17.03 -13.41 -5.61
N LEU A 221 16.33 -12.47 -6.24
CA LEU A 221 16.81 -11.10 -6.30
C LEU A 221 15.89 -10.18 -5.50
N VAL A 222 14.59 -10.32 -5.72
CA VAL A 222 13.58 -9.51 -5.04
C VAL A 222 12.39 -10.42 -4.75
N SER A 223 12.11 -10.65 -3.47
CA SER A 223 11.01 -11.53 -3.09
C SER A 223 10.69 -11.44 -1.61
N GLN A 224 9.65 -10.67 -1.28
CA GLN A 224 9.25 -10.47 0.11
C GLN A 224 8.23 -11.52 0.53
N GLU A 225 8.74 -12.69 0.89
CA GLU A 225 7.90 -13.81 1.27
C GLU A 225 7.27 -13.73 2.67
N GLU A 226 7.63 -12.71 3.44
CA GLU A 226 7.03 -12.53 4.76
C GLU A 226 5.62 -11.98 4.52
N ASN A 227 5.39 -11.46 3.31
CA ASN A 227 4.11 -10.86 2.92
C ASN A 227 3.23 -11.87 2.17
N GLY A 228 2.12 -12.26 2.80
CA GLY A 228 1.20 -13.21 2.19
C GLY A 228 0.49 -12.61 0.99
N GLN A 229 0.53 -11.28 0.89
CA GLN A 229 -0.10 -10.54 -0.19
C GLN A 229 0.98 -10.16 -1.21
N GLN A 230 2.10 -10.88 -1.15
CA GLN A 230 3.23 -10.68 -2.05
C GLN A 230 2.72 -10.89 -3.47
N GLN A 231 3.12 -10.00 -4.38
CA GLN A 231 2.69 -10.13 -5.76
C GLN A 231 3.84 -10.35 -6.74
N LYS A 232 5.06 -9.98 -6.36
CA LYS A 232 6.16 -10.14 -7.30
C LYS A 232 7.38 -10.92 -6.80
N TYR A 233 7.97 -11.66 -7.72
CA TYR A 233 9.18 -12.43 -7.46
C TYR A 233 10.11 -12.14 -8.62
N LEU A 234 11.31 -11.68 -8.31
CA LEU A 234 12.32 -11.41 -9.33
C LEU A 234 13.49 -12.34 -8.98
N GLY A 235 13.77 -13.32 -9.83
CA GLY A 235 14.86 -14.24 -9.53
C GLY A 235 15.62 -14.78 -10.72
N VAL A 236 16.23 -15.95 -10.50
CA VAL A 236 17.06 -16.58 -11.51
C VAL A 236 16.69 -18.06 -11.64
N CYS A 237 16.53 -18.52 -12.87
CA CYS A 237 16.18 -19.91 -13.10
C CYS A 237 17.13 -20.54 -14.11
N ARG A 238 17.02 -21.85 -14.26
CA ARG A 238 17.85 -22.57 -15.21
C ARG A 238 17.17 -23.88 -15.53
N LEU A 239 16.93 -24.12 -16.81
CA LEU A 239 16.28 -25.34 -17.24
C LEU A 239 17.21 -26.49 -16.96
N PRO A 240 16.65 -27.68 -16.66
CA PRO A 240 17.49 -28.84 -16.39
C PRO A 240 18.14 -29.30 -17.69
N GLY A 241 19.19 -30.10 -17.60
CA GLY A 241 19.83 -30.53 -18.83
C GLY A 241 21.20 -29.93 -19.03
N PRO A 242 21.96 -30.48 -19.98
CA PRO A 242 23.32 -30.03 -20.31
C PRO A 242 23.40 -28.69 -21.02
N GLY A 243 24.39 -27.90 -20.62
CA GLY A 243 24.64 -26.61 -21.25
C GLY A 243 23.66 -25.46 -21.10
N ARG A 244 22.63 -25.63 -20.28
CA ARG A 244 21.65 -24.57 -20.09
C ARG A 244 22.24 -23.42 -19.28
N ARG A 245 21.96 -22.19 -19.73
CA ARG A 245 22.43 -20.99 -19.07
C ARG A 245 21.42 -20.57 -18.01
N HIS A 246 21.83 -19.66 -17.13
CA HIS A 246 20.93 -19.14 -16.11
C HIS A 246 20.13 -18.01 -16.76
N ARG A 247 18.86 -17.87 -16.37
CA ARG A 247 18.05 -16.83 -16.97
C ARG A 247 17.24 -16.08 -15.91
N ARG A 248 16.95 -14.81 -16.19
CA ARG A 248 16.14 -14.01 -15.28
C ARG A 248 14.67 -14.40 -15.42
N LEU A 249 14.00 -14.54 -14.29
CA LEU A 249 12.59 -14.90 -14.25
C LEU A 249 11.83 -14.00 -13.30
N ASP A 250 10.75 -13.41 -13.80
CA ASP A 250 9.89 -12.56 -12.99
C ASP A 250 8.53 -13.27 -12.91
N ILE A 251 8.01 -13.40 -11.69
CA ILE A 251 6.72 -14.03 -11.50
C ILE A 251 5.84 -13.08 -10.70
N ILE A 252 4.64 -12.82 -11.22
CA ILE A 252 3.67 -11.93 -10.61
C ILE A 252 2.36 -12.71 -10.37
N VAL A 253 1.81 -12.61 -9.17
CA VAL A 253 0.55 -13.28 -8.84
C VAL A 253 -0.43 -12.20 -8.47
N VAL A 254 -1.62 -12.21 -9.09
CA VAL A 254 -2.59 -11.17 -8.81
C VAL A 254 -4.01 -11.70 -8.72
N PRO A 255 -4.89 -10.96 -8.02
CA PRO A 255 -6.28 -11.40 -7.90
C PRO A 255 -6.93 -11.17 -9.26
N TYR A 256 -7.93 -11.99 -9.59
CA TYR A 256 -8.61 -11.88 -10.88
C TYR A 256 -9.08 -10.50 -11.27
N SER A 257 -9.53 -9.70 -10.31
CA SER A 257 -10.04 -8.37 -10.62
C SER A 257 -8.97 -7.47 -11.23
N GLU A 258 -7.70 -7.84 -11.03
CA GLU A 258 -6.60 -7.04 -11.55
C GLU A 258 -5.93 -7.66 -12.77
N PHE A 259 -6.46 -8.79 -13.23
CA PHE A 259 -5.89 -9.48 -14.37
C PHE A 259 -5.68 -8.63 -15.62
N ALA A 260 -6.71 -7.93 -16.08
CA ALA A 260 -6.58 -7.09 -17.28
C ALA A 260 -5.45 -6.05 -17.15
N CYS A 261 -5.46 -5.31 -16.05
CA CYS A 261 -4.44 -4.29 -15.87
C CYS A 261 -3.04 -4.86 -15.64
N ALA A 262 -2.95 -6.03 -15.02
CA ALA A 262 -1.66 -6.67 -14.77
C ALA A 262 -1.12 -7.22 -16.10
N LEU A 263 -2.01 -7.77 -16.90
CA LEU A 263 -1.66 -8.31 -18.21
C LEU A 263 -1.18 -7.17 -19.11
N LEU A 264 -1.92 -6.07 -19.08
CA LEU A 264 -1.56 -4.91 -19.88
C LEU A 264 -0.18 -4.39 -19.44
N TYR A 265 -0.04 -4.14 -18.16
CA TYR A 265 1.22 -3.62 -17.64
C TYR A 265 2.44 -4.48 -17.94
N PHE A 266 2.39 -5.75 -17.55
CA PHE A 266 3.52 -6.66 -17.74
C PHE A 266 3.76 -7.11 -19.18
N THR A 267 2.83 -6.79 -20.08
CA THR A 267 3.03 -7.13 -21.48
C THR A 267 3.89 -5.98 -22.04
N GLY A 268 3.66 -4.77 -21.53
CA GLY A 268 4.44 -3.63 -22.00
C GLY A 268 4.19 -3.30 -23.47
N SER A 269 5.18 -2.74 -24.17
CA SER A 269 6.50 -2.42 -23.62
C SER A 269 6.51 -1.33 -22.58
N ALA A 270 7.69 -1.12 -21.99
CA ALA A 270 7.86 -0.10 -20.97
C ALA A 270 7.46 1.27 -21.53
N HIS A 271 7.93 1.59 -22.74
CA HIS A 271 7.59 2.88 -23.36
C HIS A 271 6.12 2.96 -23.72
N PHE A 272 5.55 1.84 -24.16
CA PHE A 272 4.13 1.82 -24.51
C PHE A 272 3.36 2.12 -23.24
N ASN A 273 3.79 1.52 -22.14
CA ASN A 273 3.14 1.73 -20.85
C ASN A 273 3.17 3.17 -20.37
N ARG A 274 4.36 3.78 -20.34
CA ARG A 274 4.41 5.16 -19.83
C ARG A 274 3.65 6.13 -20.73
N SER A 275 3.58 5.81 -22.02
CA SER A 275 2.85 6.64 -22.96
C SER A 275 1.33 6.51 -22.70
N MET A 276 0.88 5.28 -22.45
CA MET A 276 -0.54 5.03 -22.17
C MET A 276 -0.93 5.63 -20.82
N LYS A 277 -0.06 5.50 -19.82
CA LYS A 277 -0.34 6.08 -18.52
C LYS A 277 -0.46 7.59 -18.67
N ALA A 278 0.45 8.18 -19.43
CA ALA A 278 0.43 9.62 -19.65
C ALA A 278 -0.88 10.02 -20.31
N LEU A 279 -1.36 9.22 -21.26
CA LEU A 279 -2.61 9.55 -21.91
C LEU A 279 -3.74 9.50 -20.89
N ALA A 280 -3.75 8.46 -20.06
CA ALA A 280 -4.78 8.30 -19.04
C ALA A 280 -4.88 9.53 -18.17
N LYS A 281 -3.72 10.00 -17.72
CA LYS A 281 -3.63 11.17 -16.85
C LYS A 281 -4.30 12.38 -17.49
N THR A 282 -4.10 12.57 -18.79
CA THR A 282 -4.72 13.69 -19.49
C THR A 282 -6.24 13.57 -19.54
N LYS A 283 -6.75 12.35 -19.43
CA LYS A 283 -8.19 12.17 -19.48
C LYS A 283 -8.78 12.09 -18.08
N GLY A 284 -8.04 12.57 -17.10
CA GLY A 284 -8.53 12.57 -15.74
C GLY A 284 -8.59 11.19 -15.10
N MET A 285 -7.70 10.31 -15.52
CA MET A 285 -7.64 8.98 -14.96
C MET A 285 -6.21 8.64 -14.59
N SER A 286 -6.02 7.48 -13.95
CA SER A 286 -4.70 7.05 -13.55
C SER A 286 -4.63 5.54 -13.83
N LEU A 287 -3.57 5.11 -14.50
CA LEU A 287 -3.42 3.70 -14.83
C LEU A 287 -2.22 3.04 -14.15
N SER A 288 -2.48 2.00 -13.37
CA SER A 288 -1.43 1.26 -12.68
C SER A 288 -1.55 -0.17 -13.14
N GLU A 289 -0.68 -1.03 -12.65
CA GLU A 289 -0.73 -2.44 -13.00
C GLU A 289 -1.90 -3.08 -12.23
N HIS A 290 -2.42 -2.36 -11.25
CA HIS A 290 -3.54 -2.84 -10.43
C HIS A 290 -4.87 -2.47 -11.06
N ALA A 291 -4.96 -1.24 -11.59
CA ALA A 291 -6.21 -0.79 -12.16
C ALA A 291 -6.20 0.57 -12.85
N LEU A 292 -7.29 0.82 -13.57
CA LEU A 292 -7.53 2.08 -14.23
C LEU A 292 -8.50 2.73 -13.23
N SER A 293 -8.25 3.97 -12.86
CA SER A 293 -9.13 4.62 -11.90
C SER A 293 -9.27 6.10 -12.21
N THR A 294 -10.17 6.76 -11.49
CA THR A 294 -10.39 8.19 -11.67
C THR A 294 -9.14 8.91 -11.16
N ALA A 295 -8.91 10.12 -11.65
CA ALA A 295 -7.75 10.91 -11.26
C ALA A 295 -7.48 10.84 -9.76
N VAL A 296 -6.24 10.49 -9.40
CA VAL A 296 -5.86 10.39 -8.00
C VAL A 296 -6.31 11.63 -7.23
N VAL A 297 -6.67 11.41 -5.97
CA VAL A 297 -7.13 12.49 -5.09
C VAL A 297 -5.97 13.44 -4.77
N HIS A 301 -2.06 22.31 -1.07
CA HIS A 301 -2.96 22.00 -2.15
C HIS A 301 -2.17 21.54 -3.37
N GLY A 302 -2.78 20.68 -4.16
CA GLY A 302 -2.12 20.14 -5.33
C GLY A 302 -1.12 19.10 -4.85
N CYS A 303 -1.62 18.06 -4.17
CA CYS A 303 -0.78 16.99 -3.61
C CYS A 303 -1.35 15.57 -3.48
N LYS A 304 -0.44 14.60 -3.47
CA LYS A 304 -0.73 13.17 -3.34
C LYS A 304 -1.51 12.84 -2.08
N VAL A 305 -2.42 11.87 -2.16
CA VAL A 305 -3.20 11.57 -0.97
C VAL A 305 -3.91 10.23 -0.90
N GLY A 306 -4.98 10.12 -1.70
CA GLY A 306 -5.79 8.93 -1.75
C GLY A 306 -5.86 8.49 -3.20
N PRO A 307 -6.00 7.18 -3.45
CA PRO A 307 -6.09 6.69 -4.82
C PRO A 307 -7.45 7.06 -5.38
N GLY A 308 -7.56 7.08 -6.70
CA GLY A 308 -8.83 7.40 -7.31
C GLY A 308 -9.77 6.23 -7.17
N ARG A 309 -10.99 6.38 -7.67
CA ARG A 309 -11.94 5.29 -7.61
C ARG A 309 -11.64 4.34 -8.75
N VAL A 310 -11.69 3.05 -8.48
CA VAL A 310 -11.41 2.04 -9.50
C VAL A 310 -12.52 1.90 -10.54
N LEU A 311 -12.11 1.78 -11.80
CA LEU A 311 -13.03 1.59 -12.90
C LEU A 311 -12.84 0.13 -13.31
N PRO A 312 -13.86 -0.70 -13.09
CA PRO A 312 -13.76 -2.12 -13.45
C PRO A 312 -13.38 -2.36 -14.90
N THR A 313 -12.41 -3.24 -15.10
CA THR A 313 -11.94 -3.59 -16.43
C THR A 313 -11.67 -5.08 -16.49
N PRO A 314 -12.67 -5.87 -16.92
CA PRO A 314 -12.50 -7.32 -17.01
C PRO A 314 -11.40 -7.75 -17.97
N THR A 315 -11.22 -7.01 -19.06
CA THR A 315 -10.22 -7.38 -20.06
C THR A 315 -9.36 -6.20 -20.50
N GLU A 316 -8.30 -6.49 -21.24
CA GLU A 316 -7.44 -5.42 -21.74
C GLU A 316 -8.26 -4.49 -22.62
N LYS A 317 -9.14 -5.06 -23.44
CA LYS A 317 -9.99 -4.25 -24.33
C LYS A 317 -10.77 -3.21 -23.56
N ASP A 318 -11.20 -3.56 -22.36
CA ASP A 318 -11.96 -2.62 -21.55
C ASP A 318 -11.12 -1.42 -21.17
N VAL A 319 -9.83 -1.65 -20.88
CA VAL A 319 -8.93 -0.57 -20.52
C VAL A 319 -8.82 0.40 -21.70
N PHE A 320 -8.55 -0.13 -22.90
CA PHE A 320 -8.45 0.71 -24.08
C PHE A 320 -9.76 1.49 -24.30
N ARG A 321 -10.88 0.78 -24.18
CA ARG A 321 -12.19 1.41 -24.39
C ARG A 321 -12.47 2.58 -23.46
N LEU A 322 -12.21 2.40 -22.16
CA LEU A 322 -12.46 3.48 -21.22
C LEU A 322 -11.48 4.62 -21.42
N LEU A 323 -10.41 4.38 -22.17
CA LEU A 323 -9.43 5.43 -22.44
C LEU A 323 -9.68 6.01 -23.82
N GLY A 324 -10.72 5.53 -24.49
CA GLY A 324 -11.02 6.03 -25.82
C GLY A 324 -9.91 5.84 -26.83
N LEU A 325 -9.13 4.77 -26.67
CA LEU A 325 -8.02 4.45 -27.55
C LEU A 325 -8.31 3.20 -28.36
N PRO A 326 -7.94 3.19 -29.65
CA PRO A 326 -8.17 2.01 -30.49
C PRO A 326 -7.38 0.86 -29.86
N TYR A 327 -7.92 -0.35 -29.90
CA TYR A 327 -7.22 -1.49 -29.32
C TYR A 327 -6.01 -1.91 -30.14
N ARG A 328 -4.95 -2.30 -29.44
CA ARG A 328 -3.74 -2.76 -30.10
C ARG A 328 -3.36 -4.13 -29.55
N GLU A 329 -3.10 -5.07 -30.46
CA GLU A 329 -2.70 -6.40 -30.05
C GLU A 329 -1.33 -6.26 -29.38
N PRO A 330 -0.89 -7.28 -28.64
CA PRO A 330 0.41 -7.22 -27.97
C PRO A 330 1.58 -6.91 -28.92
N ALA A 331 1.56 -7.55 -30.10
CA ALA A 331 2.63 -7.36 -31.08
C ALA A 331 2.72 -5.94 -31.58
N GLU A 332 1.68 -5.15 -31.33
CA GLU A 332 1.66 -3.76 -31.77
C GLU A 332 1.99 -2.79 -30.63
N ARG A 333 2.43 -3.31 -29.49
CA ARG A 333 2.77 -2.46 -28.34
C ARG A 333 4.28 -2.49 -28.14
N ASP A 334 4.95 -2.88 -29.22
CA ASP A 334 6.40 -3.04 -29.27
C ASP A 334 7.21 -1.81 -28.91
N TRP A 335 6.59 -0.66 -28.71
CA TRP A 335 7.34 0.60 -28.47
C TRP A 335 8.64 0.49 -27.66
N SER E 5 -11.75 8.74 28.80
CA SER E 5 -10.29 8.51 29.03
C SER E 5 -9.97 8.39 30.52
N SER E 6 -9.01 7.53 30.87
CA SER E 6 -8.62 7.32 32.26
C SER E 6 -7.11 7.31 32.50
N GLN E 7 -6.73 7.36 33.77
CA GLN E 7 -5.33 7.35 34.20
C GLN E 7 -5.33 7.06 35.70
N LYS E 8 -4.24 6.53 36.24
CA LYS E 8 -4.19 6.23 37.66
C LYS E 8 -4.24 7.49 38.53
N ALA E 9 -3.52 8.52 38.12
CA ALA E 9 -3.47 9.78 38.86
C ALA E 9 -4.87 10.41 38.92
N THR E 10 -5.21 10.93 40.10
CA THR E 10 -6.51 11.55 40.33
C THR E 10 -6.82 12.69 39.35
N ASN E 11 -8.10 12.85 39.03
CA ASN E 11 -8.52 13.93 38.15
C ASN E 11 -8.94 15.05 39.10
N HIS E 12 -8.06 16.02 39.32
CA HIS E 12 -8.33 17.14 40.21
C HIS E 12 -9.25 18.17 39.57
N ASN E 13 -9.64 17.93 38.32
CA ASN E 13 -10.48 18.85 37.61
C ASN E 13 -11.71 18.20 37.00
N LEU E 14 -12.21 17.16 37.65
CA LEU E 14 -13.39 16.45 37.16
C LEU E 14 -14.61 17.36 37.07
N HIS E 15 -14.74 18.28 38.02
CA HIS E 15 -15.88 19.20 38.03
C HIS E 15 -15.90 20.07 36.78
N ILE E 16 -14.76 20.13 36.10
CA ILE E 16 -14.65 20.93 34.88
C ILE E 16 -14.78 20.03 33.65
N THR E 17 -14.00 18.95 33.63
CA THR E 17 -13.99 18.04 32.48
C THR E 17 -15.33 17.41 32.14
N GLU E 18 -16.09 16.99 33.15
CA GLU E 18 -17.37 16.36 32.86
C GLU E 18 -18.35 17.30 32.15
N LYS E 19 -18.15 18.61 32.31
CA LYS E 19 -19.03 19.58 31.65
C LYS E 19 -18.55 19.81 30.23
N LEU E 20 -17.25 19.95 30.07
CA LEU E 20 -16.66 20.15 28.75
C LEU E 20 -16.94 18.91 27.89
N GLU E 21 -16.93 17.76 28.55
CA GLU E 21 -17.18 16.49 27.88
C GLU E 21 -18.49 16.59 27.11
N VAL E 22 -19.50 17.20 27.73
CA VAL E 22 -20.80 17.34 27.09
C VAL E 22 -20.72 18.15 25.79
N LEU E 23 -20.04 19.29 25.81
CA LEU E 23 -19.92 20.10 24.61
C LEU E 23 -19.14 19.38 23.53
N ALA E 24 -18.07 18.70 23.94
CA ALA E 24 -17.22 17.96 23.00
C ALA E 24 -18.05 16.95 22.20
N LYS E 25 -18.87 16.17 22.91
CA LYS E 25 -19.70 15.17 22.26
C LYS E 25 -20.66 15.80 21.26
N ALA E 26 -21.20 16.98 21.62
CA ALA E 26 -22.15 17.67 20.76
C ALA E 26 -21.54 18.16 19.44
N TYR E 27 -20.33 18.70 19.52
CA TYR E 27 -19.66 19.17 18.32
C TYR E 27 -19.35 17.99 17.42
N SER E 28 -18.90 16.91 18.04
CA SER E 28 -18.55 15.69 17.33
C SER E 28 -19.73 15.17 16.50
N VAL E 29 -20.86 14.87 17.14
CA VAL E 29 -22.01 14.36 16.40
C VAL E 29 -22.43 15.37 15.33
N GLN E 30 -22.17 16.65 15.57
CA GLN E 30 -22.55 17.67 14.59
C GLN E 30 -21.59 17.71 13.41
N GLY E 31 -20.48 16.97 13.51
CA GLY E 31 -19.53 16.95 12.42
C GLY E 31 -18.42 17.98 12.47
N ASP E 32 -18.36 18.75 13.56
CA ASP E 32 -17.32 19.77 13.75
C ASP E 32 -16.14 19.05 14.40
N LYS E 33 -15.52 18.15 13.65
CA LYS E 33 -14.42 17.33 14.15
C LYS E 33 -13.19 18.05 14.70
N TRP E 34 -12.78 19.12 14.06
CA TRP E 34 -11.60 19.84 14.53
C TRP E 34 -11.84 20.54 15.85
N ARG E 35 -13.07 21.02 16.05
CA ARG E 35 -13.39 21.69 17.30
C ARG E 35 -13.44 20.64 18.39
N ALA E 36 -14.00 19.48 18.07
CA ALA E 36 -14.10 18.39 19.03
C ALA E 36 -12.71 17.88 19.41
N LEU E 37 -11.81 17.83 18.43
CA LEU E 37 -10.46 17.38 18.69
C LEU E 37 -9.86 18.31 19.74
N GLY E 38 -10.03 19.62 19.52
CA GLY E 38 -9.51 20.61 20.45
C GLY E 38 -10.02 20.39 21.86
N TYR E 39 -11.31 20.07 21.98
CA TYR E 39 -11.91 19.80 23.28
C TYR E 39 -11.31 18.55 23.93
N ALA E 40 -11.08 17.51 23.12
CA ALA E 40 -10.53 16.28 23.65
C ALA E 40 -9.15 16.52 24.23
N LYS E 41 -8.31 17.25 23.50
CA LYS E 41 -6.97 17.53 23.98
C LYS E 41 -7.02 18.43 25.22
N ALA E 42 -7.93 19.38 25.24
CA ALA E 42 -8.05 20.28 26.39
C ALA E 42 -8.50 19.47 27.60
N ILE E 43 -9.48 18.61 27.40
CA ILE E 43 -9.99 17.77 28.49
C ILE E 43 -8.87 16.90 29.07
N ASN E 44 -8.11 16.26 28.20
CA ASN E 44 -7.01 15.40 28.65
C ASN E 44 -5.95 16.18 29.43
N ALA E 45 -5.64 17.39 28.98
CA ALA E 45 -4.64 18.21 29.68
C ALA E 45 -5.12 18.50 31.09
N LEU E 46 -6.41 18.74 31.22
CA LEU E 46 -7.02 19.03 32.51
C LEU E 46 -7.03 17.78 33.40
N LYS E 47 -7.44 16.64 32.84
CA LYS E 47 -7.51 15.41 33.63
C LYS E 47 -6.14 15.04 34.20
N SER E 48 -5.10 15.26 33.41
CA SER E 48 -3.76 14.92 33.85
C SER E 48 -2.99 16.02 34.58
N PHE E 49 -3.63 17.17 34.79
CA PHE E 49 -2.91 18.23 35.49
C PHE E 49 -2.63 17.78 36.93
N HIS E 50 -1.46 18.14 37.44
CA HIS E 50 -1.05 17.75 38.79
C HIS E 50 -1.83 18.36 39.96
N LYS E 51 -2.68 19.34 39.68
CA LYS E 51 -3.43 19.99 40.73
C LYS E 51 -4.73 20.55 40.17
N PRO E 52 -5.60 21.07 41.03
CA PRO E 52 -6.84 21.62 40.47
C PRO E 52 -6.47 22.95 39.81
N VAL E 53 -7.04 23.25 38.65
CA VAL E 53 -6.75 24.52 38.00
C VAL E 53 -7.46 25.58 38.82
N THR E 54 -6.73 26.61 39.25
CA THR E 54 -7.32 27.65 40.08
C THR E 54 -7.46 29.05 39.48
N SER E 55 -6.84 29.32 38.35
CA SER E 55 -6.94 30.64 37.73
C SER E 55 -6.91 30.61 36.21
N TYR E 56 -7.42 31.68 35.62
CA TYR E 56 -7.47 31.84 34.18
C TYR E 56 -6.04 31.82 33.63
N GLN E 57 -5.13 32.53 34.29
CA GLN E 57 -3.74 32.58 33.85
C GLN E 57 -3.10 31.20 33.92
N GLU E 58 -3.43 30.43 34.95
CA GLU E 58 -2.88 29.09 35.09
C GLU E 58 -3.43 28.20 33.98
N ALA E 59 -4.72 28.31 33.72
CA ALA E 59 -5.33 27.52 32.66
C ALA E 59 -4.60 27.77 31.34
N CYS E 60 -4.33 29.03 31.05
CA CYS E 60 -3.64 29.42 29.81
C CYS E 60 -2.19 28.93 29.70
N SER E 61 -1.59 28.55 30.82
CA SER E 61 -0.21 28.06 30.80
C SER E 61 -0.16 26.60 30.39
N ILE E 62 -1.31 25.95 30.41
CA ILE E 62 -1.39 24.54 30.04
C ILE E 62 -1.51 24.35 28.53
N PRO E 63 -0.61 23.55 27.93
CA PRO E 63 -0.67 23.32 26.48
C PRO E 63 -2.02 22.71 26.12
N GLY E 64 -2.67 23.26 25.11
CA GLY E 64 -3.97 22.74 24.71
C GLY E 64 -5.11 23.58 25.27
N ILE E 65 -4.78 24.51 26.16
CA ILE E 65 -5.79 25.38 26.74
C ILE E 65 -5.53 26.83 26.35
N GLY E 66 -6.49 27.41 25.63
CA GLY E 66 -6.36 28.79 25.20
C GLY E 66 -7.35 29.65 25.94
N LYS E 67 -7.49 30.90 25.50
CA LYS E 67 -8.41 31.83 26.14
C LYS E 67 -9.84 31.33 26.14
N ARG E 68 -10.27 30.70 25.06
CA ARG E 68 -11.65 30.18 25.00
C ARG E 68 -11.89 29.16 26.09
N MET E 69 -11.00 28.18 26.20
CA MET E 69 -11.13 27.14 27.22
C MET E 69 -10.97 27.77 28.61
N ALA E 70 -10.00 28.69 28.72
CA ALA E 70 -9.75 29.37 29.99
C ALA E 70 -11.03 30.00 30.50
N GLU E 71 -11.81 30.61 29.61
CA GLU E 71 -13.07 31.26 29.99
C GLU E 71 -14.07 30.27 30.56
N LYS E 72 -14.30 29.18 29.82
CA LYS E 72 -15.27 28.17 30.25
C LYS E 72 -14.85 27.62 31.60
N ILE E 73 -13.55 27.39 31.75
CA ILE E 73 -13.02 26.88 33.00
C ILE E 73 -13.37 27.80 34.17
N ILE E 74 -13.02 29.08 34.04
CA ILE E 74 -13.28 30.04 35.10
C ILE E 74 -14.78 30.20 35.37
N GLU E 75 -15.59 30.15 34.32
CA GLU E 75 -17.02 30.27 34.49
C GLU E 75 -17.54 29.12 35.36
N ILE E 76 -17.00 27.93 35.14
CA ILE E 76 -17.40 26.75 35.90
C ILE E 76 -16.95 26.83 37.35
N LEU E 77 -15.82 27.47 37.59
CA LEU E 77 -15.31 27.59 38.95
C LEU E 77 -16.11 28.60 39.77
N GLU E 78 -16.59 29.65 39.11
CA GLU E 78 -17.34 30.69 39.79
C GLU E 78 -18.85 30.44 39.88
N SER E 79 -19.40 29.73 38.91
CA SER E 79 -20.84 29.46 38.91
C SER E 79 -21.19 27.99 39.07
N GLY E 80 -20.19 27.12 38.97
CA GLY E 80 -20.46 25.70 39.09
C GLY E 80 -21.29 25.23 37.92
N HIS E 81 -21.28 26.01 36.84
CA HIS E 81 -22.06 25.66 35.65
C HIS E 81 -21.47 26.29 34.38
N LEU E 82 -21.99 25.88 33.23
CA LEU E 82 -21.54 26.41 31.94
C LEU E 82 -22.77 26.69 31.09
N ARG E 83 -23.12 27.95 30.95
CA ARG E 83 -24.30 28.38 30.18
C ARG E 83 -24.41 27.81 28.77
N LYS E 84 -23.28 27.63 28.10
CA LYS E 84 -23.33 27.08 26.74
C LYS E 84 -23.99 25.71 26.71
N LEU E 85 -23.90 24.99 27.83
CA LEU E 85 -24.51 23.67 27.94
C LEU E 85 -26.03 23.74 27.81
N ASP E 86 -26.57 24.95 27.93
CA ASP E 86 -28.01 25.13 27.85
C ASP E 86 -28.45 25.58 26.47
N HIS E 87 -27.51 25.71 25.55
CA HIS E 87 -27.85 26.15 24.20
C HIS E 87 -27.49 25.13 23.13
N ILE E 88 -27.27 23.88 23.54
CA ILE E 88 -26.93 22.84 22.58
C ILE E 88 -28.14 22.57 21.70
N SER E 89 -27.93 22.58 20.39
CA SER E 89 -29.02 22.34 19.44
C SER E 89 -29.89 21.15 19.83
N GLU E 90 -31.18 21.28 19.57
CA GLU E 90 -32.13 20.22 19.90
C GLU E 90 -31.93 19.03 18.95
N SER E 91 -31.28 19.26 17.83
CA SER E 91 -31.03 18.20 16.85
C SER E 91 -29.93 17.25 17.29
N VAL E 92 -29.10 17.68 18.24
CA VAL E 92 -27.99 16.86 18.70
C VAL E 92 -28.35 15.45 19.16
N PRO E 93 -29.37 15.31 20.04
CA PRO E 93 -29.72 13.95 20.47
C PRO E 93 -30.08 13.05 19.29
N VAL E 94 -30.68 13.63 18.25
CA VAL E 94 -31.07 12.86 17.07
C VAL E 94 -29.87 12.52 16.19
N LEU E 95 -28.98 13.48 15.99
CA LEU E 95 -27.79 13.22 15.18
C LEU E 95 -26.94 12.16 15.88
N GLU E 96 -26.92 12.21 17.21
CA GLU E 96 -26.17 11.22 17.97
C GLU E 96 -26.77 9.83 17.80
N LEU E 97 -28.10 9.75 17.83
CA LEU E 97 -28.79 8.49 17.68
C LEU E 97 -28.46 7.87 16.32
N PHE E 98 -28.51 8.68 15.27
CA PHE E 98 -28.25 8.21 13.93
C PHE E 98 -26.80 7.79 13.71
N SER E 99 -25.85 8.58 14.22
CA SER E 99 -24.45 8.24 14.04
C SER E 99 -24.01 7.11 14.97
N ASN E 100 -24.92 6.65 15.83
CA ASN E 100 -24.57 5.52 16.71
C ASN E 100 -24.75 4.25 15.89
N ILE E 101 -25.30 4.38 14.68
CA ILE E 101 -25.48 3.23 13.81
C ILE E 101 -24.13 2.97 13.12
N TRP E 102 -23.60 1.77 13.28
CA TRP E 102 -22.33 1.45 12.66
C TRP E 102 -22.43 1.55 11.15
N GLY E 103 -21.57 2.36 10.54
CA GLY E 103 -21.61 2.53 9.11
C GLY E 103 -22.15 3.89 8.71
N ALA E 104 -22.76 4.59 9.68
CA ALA E 104 -23.28 5.92 9.42
C ALA E 104 -22.49 6.96 10.21
N GLY E 105 -22.07 8.02 9.51
CA GLY E 105 -21.31 9.06 10.15
C GLY E 105 -22.13 10.34 10.27
N THR E 106 -21.46 11.45 10.55
N THR E 106 -21.69 11.62 10.69
CA THR E 106 -22.12 12.74 10.71
CA THR E 106 -22.35 12.95 10.68
C THR E 106 -22.86 13.20 9.45
C THR E 106 -22.91 13.29 9.31
N LYS E 107 -22.26 12.96 8.28
CA LYS E 107 -22.86 13.35 7.00
C LYS E 107 -24.21 12.66 6.79
N THR E 108 -24.22 11.34 6.93
CA THR E 108 -25.44 10.56 6.74
C THR E 108 -26.48 10.95 7.78
N ALA E 109 -26.06 11.08 9.03
CA ALA E 109 -26.97 11.45 10.10
C ALA E 109 -27.58 12.78 9.74
N GLN E 110 -26.76 13.66 9.17
CA GLN E 110 -27.17 14.99 8.77
C GLN E 110 -28.19 14.91 7.64
N MET E 111 -27.89 14.04 6.67
CA MET E 111 -28.79 13.86 5.53
C MET E 111 -30.17 13.35 5.95
N TRP E 112 -30.19 12.36 6.84
CA TRP E 112 -31.44 11.81 7.32
C TRP E 112 -32.25 12.84 8.10
N TYR E 113 -31.58 13.58 8.98
CA TYR E 113 -32.26 14.59 9.78
C TYR E 113 -32.91 15.62 8.86
N GLN E 114 -32.19 16.02 7.81
CA GLN E 114 -32.71 16.99 6.86
C GLN E 114 -33.87 16.39 6.06
N GLN E 115 -33.93 15.06 6.00
CA GLN E 115 -35.02 14.39 5.28
C GLN E 115 -36.25 14.21 6.17
N GLY E 116 -36.16 14.68 7.42
CA GLY E 116 -37.29 14.58 8.33
C GLY E 116 -37.25 13.43 9.33
N PHE E 117 -36.33 12.50 9.15
CA PHE E 117 -36.24 11.35 10.05
C PHE E 117 -35.84 11.80 11.45
N ARG E 118 -36.38 11.14 12.47
CA ARG E 118 -36.11 11.52 13.85
C ARG E 118 -35.91 10.35 14.81
N SER E 119 -36.27 9.15 14.38
CA SER E 119 -36.12 7.98 15.24
C SER E 119 -35.57 6.83 14.42
N LEU E 120 -35.20 5.75 15.11
CA LEU E 120 -34.67 4.57 14.45
C LEU E 120 -35.74 3.86 13.61
N GLU E 121 -37.00 3.99 14.02
CA GLU E 121 -38.09 3.37 13.26
C GLU E 121 -38.24 4.11 11.95
N ASP E 122 -38.03 5.43 11.99
CA ASP E 122 -38.10 6.23 10.77
C ASP E 122 -37.01 5.75 9.82
N ILE E 123 -35.82 5.50 10.36
CA ILE E 123 -34.70 5.04 9.55
C ILE E 123 -34.98 3.65 9.00
N ARG E 124 -35.44 2.75 9.86
CA ARG E 124 -35.74 1.39 9.44
C ARG E 124 -36.80 1.34 8.34
N SER E 125 -37.81 2.19 8.45
CA SER E 125 -38.88 2.17 7.46
C SER E 125 -38.70 3.00 6.20
N GLN E 126 -38.05 4.17 6.31
CA GLN E 126 -37.92 5.04 5.14
C GLN E 126 -36.54 5.40 4.62
N ALA E 127 -35.51 5.20 5.43
CA ALA E 127 -34.16 5.57 5.01
C ALA E 127 -33.47 4.65 4.02
N SER E 128 -32.62 5.25 3.19
CA SER E 128 -31.83 4.52 2.21
C SER E 128 -30.63 4.09 3.06
N LEU E 129 -30.36 2.79 3.11
CA LEU E 129 -29.25 2.29 3.93
C LEU E 129 -28.20 1.50 3.17
N THR E 130 -26.93 1.77 3.46
CA THR E 130 -25.84 1.02 2.83
C THR E 130 -25.87 -0.39 3.44
N THR E 131 -25.16 -1.33 2.84
CA THR E 131 -25.14 -2.70 3.37
C THR E 131 -24.64 -2.70 4.82
N GLN E 132 -23.56 -1.98 5.10
CA GLN E 132 -23.03 -1.92 6.46
C GLN E 132 -24.04 -1.32 7.42
N GLN E 133 -24.64 -0.19 7.04
CA GLN E 133 -25.63 0.47 7.88
C GLN E 133 -26.82 -0.41 8.25
N ALA E 134 -27.26 -1.28 7.34
CA ALA E 134 -28.39 -2.15 7.63
C ALA E 134 -28.03 -3.10 8.77
N ILE E 135 -26.77 -3.53 8.75
CA ILE E 135 -26.27 -4.43 9.79
C ILE E 135 -26.13 -3.65 11.10
N GLY E 136 -25.67 -2.40 11.01
CA GLY E 136 -25.54 -1.59 12.20
C GLY E 136 -26.91 -1.30 12.85
N LEU E 137 -27.93 -1.05 12.03
CA LEU E 137 -29.27 -0.75 12.55
C LEU E 137 -29.88 -1.99 13.20
N LYS E 138 -29.82 -3.11 12.50
CA LYS E 138 -30.34 -4.37 13.01
C LYS E 138 -29.75 -4.75 14.38
N HIS E 139 -28.46 -4.47 14.58
CA HIS E 139 -27.79 -4.78 15.86
C HIS E 139 -27.52 -3.52 16.69
N TYR E 140 -28.34 -2.49 16.50
CA TYR E 140 -28.16 -1.23 17.21
C TYR E 140 -27.92 -1.36 18.72
N SER E 141 -28.87 -1.95 19.44
CA SER E 141 -28.73 -2.09 20.88
C SER E 141 -27.60 -2.99 21.31
N ASP E 142 -27.45 -4.13 20.65
CA ASP E 142 -26.36 -5.03 20.98
C ASP E 142 -25.01 -4.31 20.85
N PHE E 143 -24.84 -3.56 19.77
CA PHE E 143 -23.60 -2.84 19.52
C PHE E 143 -23.40 -1.61 20.41
N LEU E 144 -24.49 -1.00 20.86
CA LEU E 144 -24.39 0.17 21.72
C LEU E 144 -23.89 -0.20 23.11
N GLU E 145 -24.37 -1.32 23.64
CA GLU E 145 -23.96 -1.76 24.96
C GLU E 145 -22.51 -2.24 24.98
N ARG E 146 -21.72 -1.72 25.91
CA ARG E 146 -20.34 -2.17 26.02
C ARG E 146 -20.41 -3.49 26.80
N MET E 147 -19.82 -4.54 26.26
CA MET E 147 -19.86 -5.84 26.90
C MET E 147 -18.92 -5.87 28.10
N PRO E 148 -19.22 -6.75 29.07
CA PRO E 148 -18.33 -6.83 30.23
C PRO E 148 -17.05 -7.49 29.79
N ARG E 149 -15.96 -7.14 30.43
CA ARG E 149 -14.65 -7.66 30.12
C ARG E 149 -14.64 -9.18 29.95
N GLU E 150 -15.39 -9.87 30.82
CA GLU E 150 -15.48 -11.33 30.80
C GLU E 150 -15.96 -11.88 29.46
N GLU E 151 -16.92 -11.21 28.83
CA GLU E 151 -17.43 -11.67 27.55
C GLU E 151 -16.37 -11.47 26.46
N ALA E 152 -15.66 -10.34 26.53
CA ALA E 152 -14.60 -10.07 25.56
C ALA E 152 -13.57 -11.18 25.63
N THR E 153 -13.30 -11.66 26.86
CA THR E 153 -12.33 -12.72 27.06
C THR E 153 -12.79 -13.98 26.31
N GLU E 154 -14.06 -14.33 26.45
CA GLU E 154 -14.61 -15.53 25.79
C GLU E 154 -14.48 -15.40 24.28
N ILE E 155 -14.79 -14.21 23.77
CA ILE E 155 -14.71 -13.96 22.35
C ILE E 155 -13.27 -14.11 21.86
N GLU E 156 -12.34 -13.49 22.57
CA GLU E 156 -10.93 -13.56 22.20
C GLU E 156 -10.46 -15.01 22.20
N GLN E 157 -10.77 -15.73 23.27
CA GLN E 157 -10.40 -17.15 23.38
C GLN E 157 -10.97 -17.96 22.23
N THR E 158 -12.18 -17.62 21.82
CA THR E 158 -12.82 -18.31 20.71
C THR E 158 -11.99 -18.10 19.46
N VAL E 159 -11.57 -16.87 19.21
CA VAL E 159 -10.76 -16.60 18.03
C VAL E 159 -9.41 -17.31 18.15
N GLN E 160 -8.81 -17.25 19.34
CA GLN E 160 -7.50 -17.86 19.57
C GLN E 160 -7.47 -19.38 19.34
N LYS E 161 -8.45 -20.10 19.88
CA LYS E 161 -8.49 -21.55 19.72
C LYS E 161 -8.70 -21.94 18.27
N ALA E 162 -9.58 -21.24 17.57
CA ALA E 162 -9.84 -21.53 16.17
C ALA E 162 -8.58 -21.28 15.34
N ALA E 163 -7.80 -20.28 15.73
CA ALA E 163 -6.60 -19.94 14.99
C ALA E 163 -5.47 -20.94 15.26
N GLN E 164 -5.18 -21.18 16.53
CA GLN E 164 -4.10 -22.10 16.89
C GLN E 164 -4.39 -23.53 16.46
N ALA E 165 -5.65 -23.81 16.10
CA ALA E 165 -6.00 -25.15 15.65
C ALA E 165 -5.32 -25.36 14.30
N PHE E 166 -5.02 -24.27 13.62
CA PHE E 166 -4.34 -24.32 12.32
C PHE E 166 -2.83 -24.37 12.54
N ASN E 167 -2.37 -23.60 13.53
CA ASN E 167 -0.94 -23.54 13.86
C ASN E 167 -0.83 -23.15 15.33
N SER E 168 -0.37 -24.08 16.15
CA SER E 168 -0.25 -23.84 17.58
C SER E 168 0.75 -22.76 17.94
N GLY E 169 1.56 -22.35 16.99
CA GLY E 169 2.54 -21.31 17.25
C GLY E 169 2.05 -19.89 17.04
N LEU E 170 0.80 -19.74 16.61
CA LEU E 170 0.25 -18.41 16.37
C LEU E 170 0.00 -17.66 17.67
N LEU E 171 0.43 -16.40 17.70
CA LEU E 171 0.21 -15.53 18.86
C LEU E 171 -1.08 -14.75 18.61
N CYS E 172 -2.01 -14.83 19.55
CA CYS E 172 -3.29 -14.12 19.44
C CYS E 172 -3.46 -13.21 20.64
N VAL E 173 -3.56 -11.91 20.39
CA VAL E 173 -3.70 -10.94 21.45
C VAL E 173 -4.88 -9.98 21.25
N ALA E 174 -5.71 -9.89 22.28
CA ALA E 174 -6.86 -8.98 22.25
C ALA E 174 -6.24 -7.63 22.58
N CYS E 175 -6.52 -6.63 21.76
CA CYS E 175 -5.96 -5.32 21.98
C CYS E 175 -7.04 -4.33 22.37
N GLY E 176 -6.96 -3.12 21.82
CA GLY E 176 -7.97 -2.10 22.11
C GLY E 176 -8.22 -1.92 23.60
N SER E 177 -9.45 -1.56 23.94
CA SER E 177 -9.85 -1.34 25.33
C SER E 177 -9.57 -2.54 26.24
N TYR E 178 -9.71 -3.75 25.69
CA TYR E 178 -9.48 -4.94 26.50
C TYR E 178 -8.04 -4.95 27.04
N ARG E 179 -7.08 -4.75 26.15
CA ARG E 179 -5.68 -4.76 26.57
C ARG E 179 -5.36 -3.61 27.52
N ARG E 180 -6.06 -2.48 27.38
CA ARG E 180 -5.80 -1.35 28.26
C ARG E 180 -6.43 -1.53 29.65
N GLY E 181 -7.00 -2.72 29.91
CA GLY E 181 -7.60 -3.01 31.20
C GLY E 181 -9.01 -2.51 31.52
N LYS E 182 -9.76 -2.07 30.51
CA LYS E 182 -11.11 -1.57 30.75
C LYS E 182 -12.05 -2.64 31.27
N ALA E 183 -12.96 -2.24 32.15
CA ALA E 183 -13.94 -3.17 32.72
C ALA E 183 -14.97 -3.54 31.66
N THR E 184 -15.20 -2.66 30.69
CA THR E 184 -16.14 -2.97 29.63
C THR E 184 -15.49 -2.69 28.28
N CYS E 185 -15.98 -3.35 27.24
CA CYS E 185 -15.43 -3.18 25.90
C CYS E 185 -16.52 -2.96 24.87
N GLY E 186 -16.29 -2.01 23.97
CA GLY E 186 -17.26 -1.70 22.94
C GLY E 186 -17.27 -2.78 21.87
N ASP E 187 -16.16 -3.52 21.79
CA ASP E 187 -16.01 -4.60 20.82
C ASP E 187 -14.74 -5.32 21.17
N VAL E 188 -14.33 -6.27 20.33
CA VAL E 188 -13.10 -6.99 20.59
C VAL E 188 -12.13 -6.86 19.41
N ASP E 189 -10.89 -6.50 19.72
CA ASP E 189 -9.86 -6.32 18.70
C ASP E 189 -8.80 -7.39 18.87
N VAL E 190 -8.74 -8.32 17.92
CA VAL E 190 -7.79 -9.42 18.02
C VAL E 190 -6.68 -9.31 17.01
N LEU E 191 -5.45 -9.36 17.51
CA LEU E 191 -4.26 -9.28 16.68
C LEU E 191 -3.60 -10.66 16.64
N ILE E 192 -3.31 -11.13 15.43
CA ILE E 192 -2.68 -12.44 15.24
C ILE E 192 -1.40 -12.35 14.41
N THR E 193 -0.37 -13.06 14.84
CA THR E 193 0.90 -13.11 14.11
C THR E 193 1.60 -14.44 14.42
N HIS E 194 2.79 -14.62 13.86
CA HIS E 194 3.54 -15.85 14.11
C HIS E 194 5.01 -15.52 14.20
N PRO E 195 5.65 -15.91 15.31
CA PRO E 195 7.07 -15.62 15.48
C PRO E 195 8.03 -16.04 14.38
N ASP E 196 7.69 -17.13 13.68
CA ASP E 196 8.58 -17.60 12.61
C ASP E 196 8.56 -16.71 11.38
N GLY E 197 7.84 -15.60 11.48
CA GLY E 197 7.78 -14.64 10.39
C GLY E 197 7.18 -15.07 9.07
N ARG E 198 6.51 -16.22 9.03
CA ARG E 198 5.92 -16.67 7.77
C ARG E 198 4.63 -17.47 7.87
N SER E 199 4.46 -18.19 8.97
CA SER E 199 3.28 -19.02 9.14
C SER E 199 1.99 -18.29 9.40
N HIS E 200 2.00 -16.97 9.35
CA HIS E 200 0.78 -16.19 9.55
C HIS E 200 0.03 -16.17 8.21
N ARG E 201 0.79 -16.40 7.14
CA ARG E 201 0.24 -16.39 5.79
C ARG E 201 -0.81 -17.47 5.55
N GLY E 202 -1.95 -17.05 5.00
CA GLY E 202 -3.03 -17.97 4.71
C GLY E 202 -3.97 -18.26 5.87
N ILE E 203 -3.60 -17.84 7.07
CA ILE E 203 -4.44 -18.09 8.24
C ILE E 203 -5.73 -17.28 8.20
N PHE E 204 -5.64 -16.05 7.70
CA PHE E 204 -6.79 -15.18 7.61
C PHE E 204 -8.01 -15.87 6.98
N SER E 205 -7.88 -16.28 5.71
CA SER E 205 -8.96 -16.94 5.00
C SER E 205 -9.45 -18.21 5.73
N ARG E 206 -8.52 -19.06 6.14
CA ARG E 206 -8.91 -20.29 6.81
C ARG E 206 -9.63 -20.02 8.14
N LEU E 207 -9.16 -19.02 8.86
CA LEU E 207 -9.76 -18.67 10.14
C LEU E 207 -11.20 -18.16 9.98
N LEU E 208 -11.43 -17.28 9.01
CA LEU E 208 -12.77 -16.72 8.81
C LEU E 208 -13.75 -17.81 8.42
N ASP E 209 -13.33 -18.72 7.54
CA ASP E 209 -14.21 -19.80 7.12
C ASP E 209 -14.55 -20.71 8.30
N SER E 210 -13.54 -21.03 9.10
CA SER E 210 -13.75 -21.87 10.27
C SER E 210 -14.79 -21.23 11.20
N LEU E 211 -14.60 -19.94 11.51
CA LEU E 211 -15.53 -19.23 12.38
C LEU E 211 -16.93 -19.04 11.78
N ARG E 212 -17.01 -18.85 10.47
CA ARG E 212 -18.29 -18.70 9.82
C ARG E 212 -19.06 -20.01 9.92
N GLN E 213 -18.36 -21.11 9.67
CA GLN E 213 -18.97 -22.44 9.71
C GLN E 213 -19.47 -22.85 11.09
N GLU E 214 -18.78 -22.42 12.13
CA GLU E 214 -19.19 -22.74 13.50
C GLU E 214 -20.37 -21.86 13.91
N GLY E 215 -20.75 -20.92 13.04
CA GLY E 215 -21.85 -20.04 13.37
C GLY E 215 -21.42 -18.87 14.22
N PHE E 216 -20.12 -18.73 14.45
CA PHE E 216 -19.60 -17.66 15.28
C PHE E 216 -19.70 -16.27 14.63
N LEU E 217 -19.26 -16.16 13.39
CA LEU E 217 -19.35 -14.90 12.66
C LEU E 217 -20.72 -14.87 12.05
N THR E 218 -21.46 -13.78 12.22
CA THR E 218 -22.83 -13.69 11.69
C THR E 218 -22.97 -12.74 10.49
N ASP E 219 -22.11 -11.74 10.40
CA ASP E 219 -22.14 -10.79 9.30
C ASP E 219 -20.78 -10.15 9.14
N ASP E 220 -20.45 -9.79 7.90
CA ASP E 220 -19.18 -9.14 7.63
C ASP E 220 -19.45 -7.69 7.30
N LEU E 221 -18.56 -6.81 7.74
CA LEU E 221 -18.72 -5.40 7.48
C LEU E 221 -17.61 -4.92 6.54
N VAL E 222 -16.38 -5.32 6.86
N VAL E 222 -16.35 -5.05 6.48
CA VAL E 222 -15.21 -4.96 6.07
CA VAL E 222 -15.16 -4.56 5.78
C VAL E 222 -14.21 -6.10 6.05
C VAL E 222 -14.12 -5.66 5.76
N SER E 223 -14.14 -6.80 4.92
N SER E 223 -13.48 -5.84 4.60
CA SER E 223 -13.21 -7.92 4.77
CA SER E 223 -12.46 -6.86 4.46
C SER E 223 -12.84 -8.08 3.30
C SER E 223 -11.25 -6.34 3.70
N GLN E 224 -11.58 -7.78 3.00
N GLN E 224 -10.07 -6.53 4.27
CA GLN E 224 -11.08 -7.88 1.64
CA GLN E 224 -8.83 -6.11 3.63
C GLN E 224 -10.07 -9.01 1.63
C GLN E 224 -7.82 -7.23 3.82
N GLU E 225 -9.12 -8.96 0.71
N GLU E 225 -8.14 -8.41 3.29
CA GLU E 225 -8.13 -10.03 0.66
CA GLU E 225 -7.27 -9.56 3.42
C GLU E 225 -6.73 -9.73 0.13
C GLU E 225 -6.52 -9.90 2.14
N GLU E 226 -6.46 -8.51 -0.34
N GLU E 226 -6.53 -8.98 1.17
CA GLU E 226 -5.15 -8.31 -0.93
CA GLU E 226 -5.87 -9.27 -0.09
C GLU E 226 -4.19 -7.14 -0.61
C GLU E 226 -4.88 -8.23 -0.58
N ASN E 227 -4.66 -5.98 -0.20
N ASN E 227 -4.60 -7.24 0.27
CA ASN E 227 -3.74 -4.86 0.05
CA ASN E 227 -3.66 -6.19 -0.08
C ASN E 227 -2.88 -4.88 1.32
C ASN E 227 -2.96 -5.56 1.11
N GLY E 228 -1.61 -4.50 1.16
N GLY E 228 -1.69 -5.86 1.26
CA GLY E 228 -0.68 -4.46 2.27
CA GLY E 228 -0.96 -5.29 2.37
C GLY E 228 -0.28 -5.81 2.83
C GLY E 228 -0.30 -6.32 3.27
N GLN E 229 0.61 -5.81 3.82
N GLN E 229 0.71 -5.89 4.02
CA GLN E 229 1.05 -7.05 4.44
CA GLN E 229 1.42 -6.77 4.95
C GLN E 229 0.06 -7.47 5.53
C GLN E 229 0.46 -7.33 5.99
N GLN E 230 -0.65 -6.49 6.08
CA GLN E 230 -1.64 -6.76 7.12
C GLN E 230 -3.02 -6.98 6.49
N GLN E 231 -3.69 -8.02 6.94
CA GLN E 231 -5.03 -8.33 6.45
C GLN E 231 -5.95 -7.96 7.62
N LYS E 232 -7.02 -7.24 7.33
CA LYS E 232 -7.96 -6.82 8.36
C LYS E 232 -9.40 -7.26 8.08
N TYR E 233 -10.09 -7.61 9.14
CA TYR E 233 -11.48 -8.04 9.05
C TYR E 233 -12.29 -7.32 10.12
N LEU E 234 -13.40 -6.72 9.72
CA LEU E 234 -14.29 -6.03 10.65
C LEU E 234 -15.64 -6.71 10.42
N GLY E 235 -16.18 -7.31 11.47
CA GLY E 235 -17.45 -7.98 11.32
C GLY E 235 -18.25 -8.10 12.61
N VAL E 236 -19.10 -9.11 12.65
CA VAL E 236 -19.97 -9.36 13.78
C VAL E 236 -19.91 -10.81 14.24
N CYS E 237 -19.85 -11.01 15.56
CA CYS E 237 -19.80 -12.36 16.10
C CYS E 237 -20.86 -12.55 17.17
N ARG E 238 -21.02 -13.79 17.59
CA ARG E 238 -21.98 -14.11 18.63
C ARG E 238 -21.57 -15.41 19.29
N LEU E 239 -21.34 -15.36 20.58
CA LEU E 239 -20.97 -16.54 21.32
C LEU E 239 -22.12 -17.52 21.26
N PRO E 240 -21.82 -18.82 21.35
CA PRO E 240 -22.86 -19.85 21.31
C PRO E 240 -23.57 -19.88 22.66
N GLY E 241 -24.79 -20.40 22.70
CA GLY E 241 -25.48 -20.44 23.97
C GLY E 241 -26.65 -19.49 24.01
N PRO E 242 -27.58 -19.70 24.93
CA PRO E 242 -28.79 -18.89 25.09
C PRO E 242 -28.59 -17.47 25.58
N GLY E 243 -29.32 -16.54 24.96
CA GLY E 243 -29.28 -15.15 25.36
C GLY E 243 -28.13 -14.28 24.89
N ARG E 244 -27.11 -14.89 24.27
CA ARG E 244 -25.96 -14.13 23.80
C ARG E 244 -26.33 -13.08 22.75
N ARG E 245 -25.72 -11.91 22.90
CA ARG E 245 -25.93 -10.79 21.98
C ARG E 245 -24.87 -10.80 20.89
N HIS E 246 -25.13 -10.05 19.82
CA HIS E 246 -24.16 -9.95 18.73
C HIS E 246 -23.16 -8.89 19.17
N ARG E 247 -21.89 -9.08 18.79
CA ARG E 247 -20.86 -8.13 19.16
C ARG E 247 -19.95 -7.85 17.98
N ARG E 248 -19.34 -6.66 17.99
CA ARG E 248 -18.42 -6.28 16.95
C ARG E 248 -17.08 -6.96 17.20
N LEU E 249 -16.51 -7.53 16.14
CA LEU E 249 -15.23 -8.21 16.22
C LEU E 249 -14.33 -7.75 15.08
N ASP E 250 -13.13 -7.32 15.45
CA ASP E 250 -12.13 -6.89 14.48
C ASP E 250 -10.95 -7.87 14.60
N ILE E 251 -10.49 -8.37 13.46
CA ILE E 251 -9.37 -9.30 13.43
C ILE E 251 -8.29 -8.78 12.49
N ILE E 252 -7.06 -8.72 12.97
CA ILE E 252 -5.93 -8.24 12.17
C ILE E 252 -4.79 -9.29 12.21
N VAL E 253 -4.29 -9.64 11.04
CA VAL E 253 -3.21 -10.63 10.91
C VAL E 253 -2.01 -9.92 10.30
N VAL E 254 -0.87 -9.98 10.99
CA VAL E 254 0.31 -9.27 10.51
C VAL E 254 1.58 -10.11 10.56
N PRO E 255 2.57 -9.78 9.72
CA PRO E 255 3.84 -10.53 9.73
C PRO E 255 4.55 -10.13 11.02
N TYR E 256 5.39 -11.02 11.54
CA TYR E 256 6.09 -10.75 12.80
C TYR E 256 6.89 -9.46 12.84
N SER E 257 7.43 -9.03 11.71
CA SER E 257 8.23 -7.80 11.69
C SER E 257 7.41 -6.56 12.06
N GLU E 258 6.09 -6.64 11.91
CA GLU E 258 5.21 -5.52 12.20
C GLU E 258 4.44 -5.71 13.50
N PHE E 259 4.73 -6.78 14.21
CA PHE E 259 4.01 -7.06 15.45
C PHE E 259 4.03 -5.95 16.48
N ALA E 260 5.20 -5.42 16.79
CA ALA E 260 5.30 -4.35 17.78
C ALA E 260 4.43 -3.15 17.41
N CYS E 261 4.55 -2.67 16.18
CA CYS E 261 3.78 -1.51 15.78
C CYS E 261 2.28 -1.79 15.66
N ALA E 262 1.91 -3.02 15.35
CA ALA E 262 0.49 -3.38 15.22
C ALA E 262 -0.08 -3.44 16.63
N LEU E 263 0.65 -4.10 17.54
CA LEU E 263 0.22 -4.21 18.92
C LEU E 263 0.03 -2.80 19.50
N LEU E 264 1.01 -1.93 19.26
CA LEU E 264 0.95 -0.57 19.76
C LEU E 264 -0.28 0.17 19.22
N TYR E 265 -0.47 0.10 17.91
CA TYR E 265 -1.58 0.80 17.26
C TYR E 265 -2.96 0.30 17.64
N PHE E 266 -3.16 -1.01 17.54
CA PHE E 266 -4.47 -1.59 17.83
C PHE E 266 -4.78 -1.58 19.31
N THR E 267 -3.78 -1.33 20.15
CA THR E 267 -4.01 -1.23 21.58
C THR E 267 -4.50 0.21 21.84
N GLY E 268 -4.01 1.17 21.08
CA GLY E 268 -4.43 2.56 21.25
C GLY E 268 -4.01 3.19 22.57
N SER E 269 -4.81 4.10 23.13
CA SER E 269 -6.09 4.51 22.55
C SER E 269 -5.96 5.35 21.28
N ALA E 270 -7.11 5.65 20.67
CA ALA E 270 -7.17 6.44 19.45
C ALA E 270 -6.44 7.79 19.61
N HIS E 271 -6.79 8.55 20.65
N HIS E 271 -6.73 8.29 20.84
CA HIS E 271 -6.13 9.82 20.87
CA HIS E 271 -6.22 9.65 20.98
C HIS E 271 -4.66 9.62 21.24
C HIS E 271 -4.78 9.70 21.51
N PHE E 272 -4.38 8.57 22.02
CA PHE E 272 -2.99 8.30 22.40
C PHE E 272 -2.17 8.08 21.12
N ASN E 273 -2.75 7.34 20.18
CA ASN E 273 -2.08 7.07 18.92
C ASN E 273 -1.82 8.36 18.14
N ARG E 274 -2.83 9.23 18.06
CA ARG E 274 -2.67 10.48 17.32
C ARG E 274 -1.55 11.31 17.95
N SER E 275 -1.54 11.39 19.28
CA SER E 275 -0.50 12.15 19.96
C SER E 275 0.88 11.57 19.70
N MET E 276 1.00 10.25 19.81
CA MET E 276 2.28 9.60 19.59
C MET E 276 2.76 9.77 18.15
N LYS E 277 1.84 9.69 17.20
CA LYS E 277 2.21 9.86 15.80
C LYS E 277 2.71 11.28 15.57
N ALA E 278 2.00 12.26 16.11
CA ALA E 278 2.38 13.66 15.94
C ALA E 278 3.75 13.88 16.55
N LEU E 279 4.01 13.24 17.69
CA LEU E 279 5.30 13.38 18.35
C LEU E 279 6.40 12.84 17.47
N ALA E 280 6.13 11.74 16.79
CA ALA E 280 7.12 11.15 15.90
C ALA E 280 7.41 12.11 14.75
N LYS E 281 6.36 12.67 14.16
CA LYS E 281 6.52 13.58 13.04
C LYS E 281 7.48 14.71 13.41
N THR E 282 7.37 15.22 14.64
CA THR E 282 8.22 16.31 15.10
C THR E 282 9.67 15.85 15.29
N LYS E 283 9.90 14.55 15.34
CA LYS E 283 11.25 14.04 15.51
C LYS E 283 11.82 13.47 14.21
N GLY E 284 11.27 13.92 13.09
CA GLY E 284 11.75 13.46 11.80
C GLY E 284 11.36 12.02 11.51
N MET E 285 10.30 11.53 12.16
CA MET E 285 9.86 10.17 11.93
C MET E 285 8.38 10.08 11.62
N SER E 286 7.95 8.88 11.26
CA SER E 286 6.55 8.63 10.93
C SER E 286 6.16 7.27 11.52
N LEU E 287 5.04 7.22 12.22
CA LEU E 287 4.58 6.00 12.86
C LEU E 287 3.25 5.50 12.31
N SER E 288 3.22 4.24 11.92
CA SER E 288 1.99 3.64 11.40
C SER E 288 1.78 2.33 12.15
N GLU E 289 0.73 1.60 11.80
CA GLU E 289 0.48 0.31 12.44
C GLU E 289 1.47 -0.69 11.85
N HIS E 290 2.15 -0.30 10.76
CA HIS E 290 3.12 -1.18 10.12
C HIS E 290 4.52 -0.99 10.69
N ALA E 291 4.91 0.25 10.90
CA ALA E 291 6.25 0.48 11.42
C ALA E 291 6.54 1.91 11.82
N LEU E 292 7.71 2.07 12.43
CA LEU E 292 8.23 3.37 12.81
C LEU E 292 9.29 3.57 11.74
N SER E 293 9.27 4.71 11.08
CA SER E 293 10.27 4.94 10.05
C SER E 293 10.68 6.39 9.96
N THR E 294 11.75 6.63 9.21
CA THR E 294 12.25 8.00 9.04
C THR E 294 11.17 8.78 8.31
N ALA E 295 11.27 10.11 8.37
CA ALA E 295 10.30 10.98 7.72
C ALA E 295 9.97 10.55 6.29
N VAL E 296 8.69 10.54 5.98
CA VAL E 296 8.21 10.17 4.67
C VAL E 296 8.85 11.11 3.63
N VAL E 297 9.18 10.57 2.46
CA VAL E 297 9.80 11.35 1.39
C VAL E 297 8.80 12.29 0.71
N ARG E 298 9.21 13.53 0.48
CA ARG E 298 8.34 14.52 -0.15
C ARG E 298 9.01 15.21 -1.34
N HIS E 301 7.48 18.62 -2.85
CA HIS E 301 7.29 20.02 -2.48
C HIS E 301 6.11 20.07 -1.52
N GLY E 302 6.18 19.22 -0.50
CA GLY E 302 5.14 19.12 0.49
C GLY E 302 4.30 17.90 0.18
N CYS E 303 4.38 17.43 -1.06
CA CYS E 303 3.61 16.27 -1.47
C CYS E 303 4.30 14.96 -1.10
N LYS E 304 3.56 14.12 -0.38
CA LYS E 304 4.07 12.82 0.04
C LYS E 304 4.45 11.99 -1.19
N VAL E 305 5.74 11.82 -1.41
CA VAL E 305 6.24 11.06 -2.56
C VAL E 305 7.04 9.81 -2.18
N GLY E 306 6.42 8.89 -1.44
CA GLY E 306 7.11 7.67 -1.05
C GLY E 306 7.34 7.55 0.45
N PRO E 307 7.31 6.32 1.00
CA PRO E 307 7.52 6.07 2.42
C PRO E 307 8.97 6.25 2.88
N GLY E 308 9.14 6.43 4.18
CA GLY E 308 10.47 6.58 4.73
C GLY E 308 11.05 5.19 4.98
N ARG E 309 12.27 5.15 5.48
CA ARG E 309 12.94 3.88 5.74
C ARG E 309 12.52 3.31 7.10
N VAL E 310 12.16 2.03 7.10
CA VAL E 310 11.74 1.35 8.33
C VAL E 310 12.87 1.23 9.34
N LEU E 311 12.54 1.51 10.60
CA LEU E 311 13.47 1.38 11.71
C LEU E 311 12.97 0.15 12.48
N PRO E 312 13.75 -0.94 12.48
CA PRO E 312 13.34 -2.17 13.18
C PRO E 312 12.93 -1.94 14.62
N THR E 313 11.79 -2.50 15.01
CA THR E 313 11.27 -2.40 16.37
C THR E 313 10.66 -3.75 16.77
N PRO E 314 11.47 -4.61 17.40
CA PRO E 314 10.98 -5.94 17.83
C PRO E 314 9.86 -5.86 18.86
N THR E 315 9.90 -4.86 19.73
CA THR E 315 8.87 -4.73 20.77
C THR E 315 8.34 -3.31 20.89
N GLU E 316 7.22 -3.18 21.60
CA GLU E 316 6.62 -1.88 21.84
C GLU E 316 7.62 -0.95 22.52
N LYS E 317 8.43 -1.50 23.42
CA LYS E 317 9.44 -0.73 24.15
C LYS E 317 10.40 -0.06 23.19
N ASP E 318 10.74 -0.76 22.12
CA ASP E 318 11.68 -0.22 21.13
C ASP E 318 11.11 1.01 20.44
N VAL E 319 9.80 0.98 20.19
CA VAL E 319 9.15 2.12 19.55
C VAL E 319 9.26 3.34 20.46
N PHE E 320 8.94 3.16 21.75
CA PHE E 320 9.03 4.26 22.70
C PHE E 320 10.49 4.73 22.80
N ARG E 321 11.41 3.76 22.87
CA ARG E 321 12.82 4.08 22.96
C ARG E 321 13.31 4.95 21.82
N LEU E 322 13.02 4.56 20.59
CA LEU E 322 13.45 5.33 19.44
C LEU E 322 12.78 6.70 19.35
N LEU E 323 11.66 6.87 20.06
CA LEU E 323 10.95 8.15 20.06
C LEU E 323 11.36 8.99 21.26
N GLY E 324 12.23 8.44 22.10
CA GLY E 324 12.67 9.15 23.28
C GLY E 324 11.56 9.41 24.28
N LEU E 325 10.57 8.51 24.32
CA LEU E 325 9.43 8.63 25.23
C LEU E 325 9.52 7.57 26.31
N PRO E 326 9.19 7.93 27.56
CA PRO E 326 9.24 6.94 28.64
C PRO E 326 8.21 5.88 28.29
N TYR E 327 8.49 4.62 28.59
CA TYR E 327 7.55 3.56 28.27
C TYR E 327 6.28 3.64 29.09
N ARG E 328 5.16 3.31 28.46
CA ARG E 328 3.88 3.35 29.14
C ARG E 328 3.14 2.02 28.96
N GLU E 329 2.75 1.43 30.08
CA GLU E 329 2.00 0.17 30.04
C GLU E 329 0.66 0.47 29.37
N PRO E 330 -0.01 -0.56 28.82
CA PRO E 330 -1.30 -0.38 28.15
C PRO E 330 -2.35 0.45 28.91
N ALA E 331 -2.48 0.22 30.22
CA ALA E 331 -3.47 0.95 31.02
C ALA E 331 -3.11 2.43 31.14
N GLU E 332 -1.87 2.76 30.83
CA GLU E 332 -1.42 4.15 30.91
C GLU E 332 -1.52 4.85 29.54
N ARG E 333 -2.18 4.20 28.58
CA ARG E 333 -2.34 4.79 27.25
C ARG E 333 -3.81 5.06 26.96
N ASP E 334 -4.62 5.09 28.02
CA ASP E 334 -6.06 5.27 27.87
C ASP E 334 -6.46 6.75 27.73
N TRP E 335 -5.97 7.41 26.69
CA TRP E 335 -6.26 8.83 26.47
C TRP E 335 -7.54 9.09 25.66
#